data_1ZBE
#
_entry.id   1ZBE
#
_cell.length_a   306.200
_cell.length_b   306.200
_cell.length_c   712.800
_cell.angle_alpha   90.00
_cell.angle_beta   90.00
_cell.angle_gamma   120.00
#
_symmetry.space_group_name_H-M   'H 3'
#
loop_
_entity.id
_entity.type
_entity.pdbx_description
1 polymer 'Coat protein VP1'
2 polymer 'Coat protein VP2'
3 polymer 'Coat protein VP3'
4 polymer 'Coat protein VP4'
#
loop_
_entity_poly.entity_id
_entity_poly.type
_entity_poly.pdbx_seq_one_letter_code
_entity_poly.pdbx_strand_id
1 'polypeptide(L)'
;TTTTGESADPVTTTVENYGGDTQVQRRHHTDVGFIMDRFVKINSLSPTHVIDLMQTHKHGIVGALLRAATYYFSDLEIVV
RHDGNLTWVPNGAPEAALSNTSNPTAYNKAPFTRLALPYTAPHRVLATVYDGTNKYSASDSRSGDLGSIAARVATQLPAS
FNYGAIQAQAIHELLVRMKRAELYCPRPLLAIKVTSQDRYKQKIIAPAKQLL
;
1
2 'polypeptide(L)'
;DKKTEETTLLEDRLLTTRNGHTTSTTQSSVGVTYGYSTEEDHVAGPNTSGLETRVVQAERFFKKFLFDWTTDKPFGYLTK
LELPTDHHGVFGHLVDSYAYMRNGWDVEVSAVGNQFNGGCLLVAMVPEWKAFDTREKYQLTLFPHQFISPRTNMTAHITV
PYLGVNRYDQYKKHKPWTLVVMVLSPLTVSNTAAPQIKVYANIAPTYVHVAGELPSKE
;
2
3 'polypeptide(L)'
;GIFPVACADGYGGLVTTDPKTADPVYGKVYNPPKTNYPGRFTNLLDVAEACPTFLRFDDGKPYVVTRADDTRLLAKFDVS
LAAKHMSNTYLSGIAQYYTQYSGTINLHFMFTGSTDSKARYMVAYIPPGVETPPDTPEEAAHCIHAEWDTGLNSKFTFSI
PYVSAADYAYTASDTAETTNVQGWVCVYQITHGKAENDTLLVSASAGKDFELRLPIDPRTQ
;
3
4 'polypeptide(L)'
;GAGQSSPATGSQNQSGNTGSIINNYYMQQYQNSMSTQLGDNTISGGSNEGSTDTTSTHTTNTQNNDWFSKLASSAFTGLF
GALLA
;
4
#
# COMPACT_ATOMS: atom_id res chain seq x y z
N THR A 1 -9.44 8.63 40.60
CA THR A 1 -8.04 8.65 40.11
C THR A 1 -7.78 9.91 39.33
N THR A 2 -6.82 10.69 39.79
CA THR A 2 -6.45 11.89 39.08
C THR A 2 -5.22 11.52 38.27
N THR A 3 -4.98 12.22 37.17
CA THR A 3 -3.82 11.94 36.34
C THR A 3 -3.52 13.18 35.58
N THR A 4 -2.44 13.11 34.80
CA THR A 4 -2.03 14.24 33.97
C THR A 4 -2.64 14.05 32.59
N GLY A 5 -3.91 14.40 32.48
CA GLY A 5 -4.63 14.24 31.23
C GLY A 5 -3.89 14.58 29.94
N GLU A 6 -3.06 15.61 30.01
CA GLU A 6 -2.33 16.07 28.85
C GLU A 6 -1.44 15.04 28.19
N SER A 7 -0.86 14.14 28.98
CA SER A 7 0.04 13.12 28.47
C SER A 7 -0.65 12.11 27.53
N ALA A 8 -1.98 12.08 27.58
CA ALA A 8 -2.78 11.17 26.76
C ALA A 8 -2.57 9.70 27.13
N ASP A 9 -1.95 9.45 28.27
CA ASP A 9 -1.74 8.09 28.72
C ASP A 9 -3.09 7.54 29.15
N PRO A 10 -3.41 6.32 28.73
CA PRO A 10 -4.67 5.64 29.05
C PRO A 10 -4.87 5.47 30.54
N VAL A 11 -6.11 5.65 30.98
CA VAL A 11 -6.46 5.50 32.38
C VAL A 11 -7.80 4.75 32.43
N THR A 12 -7.83 3.58 33.06
CA THR A 12 -9.07 2.84 33.17
C THR A 12 -9.31 2.58 34.67
N THR A 13 -10.21 3.34 35.26
CA THR A 13 -10.53 3.16 36.67
C THR A 13 -11.55 2.07 36.72
N THR A 14 -11.81 1.56 37.91
CA THR A 14 -12.78 0.49 38.10
C THR A 14 -13.67 0.81 39.28
N VAL A 15 -14.83 0.18 39.33
CA VAL A 15 -15.74 0.46 40.42
C VAL A 15 -15.20 0.14 41.82
N GLU A 16 -14.08 -0.57 41.88
CA GLU A 16 -13.47 -0.90 43.15
C GLU A 16 -13.11 0.39 43.89
N ASN A 17 -12.84 1.47 43.13
CA ASN A 17 -12.47 2.73 43.75
C ASN A 17 -13.47 3.17 44.81
N TYR A 18 -14.75 2.80 44.64
CA TYR A 18 -15.72 3.17 45.64
C TYR A 18 -16.49 1.97 46.22
N GLY A 19 -15.81 0.83 46.25
CA GLY A 19 -16.41 -0.36 46.84
C GLY A 19 -17.08 -1.40 45.96
N GLY A 20 -16.88 -1.34 44.64
CA GLY A 20 -17.53 -2.33 43.80
C GLY A 20 -16.63 -3.49 43.42
N ASP A 21 -17.20 -4.44 42.68
CA ASP A 21 -16.50 -5.62 42.19
C ASP A 21 -16.56 -5.52 40.67
N THR A 22 -15.42 -5.51 40.00
CA THR A 22 -15.43 -5.50 38.54
C THR A 22 -15.77 -6.94 38.12
N GLN A 23 -16.65 -7.09 37.14
CA GLN A 23 -17.06 -8.42 36.72
C GLN A 23 -16.30 -9.03 35.56
N VAL A 24 -16.83 -10.16 35.12
CA VAL A 24 -16.30 -10.93 34.03
C VAL A 24 -16.98 -10.45 32.77
N GLN A 25 -16.22 -10.38 31.69
CA GLN A 25 -16.77 -9.95 30.41
C GLN A 25 -16.38 -10.92 29.31
N ARG A 26 -17.18 -11.01 28.26
CA ARG A 26 -16.88 -11.92 27.15
C ARG A 26 -17.08 -11.11 25.89
N ARG A 27 -15.97 -10.72 25.26
CA ARG A 27 -16.07 -9.89 24.08
C ARG A 27 -15.97 -10.58 22.71
N HIS A 28 -16.54 -11.77 22.59
CA HIS A 28 -16.46 -12.46 21.31
C HIS A 28 -17.09 -11.67 20.18
N HIS A 29 -18.25 -11.08 20.47
CA HIS A 29 -19.00 -10.34 19.46
C HIS A 29 -18.34 -9.07 18.94
N THR A 30 -17.32 -8.58 19.65
CA THR A 30 -16.59 -7.40 19.23
C THR A 30 -15.22 -7.76 18.68
N ASP A 31 -15.07 -9.03 18.32
CA ASP A 31 -13.82 -9.45 17.74
C ASP A 31 -13.86 -9.03 16.28
N VAL A 32 -12.85 -8.32 15.83
CA VAL A 32 -12.80 -7.84 14.44
C VAL A 32 -13.01 -8.94 13.41
N GLY A 33 -12.22 -9.99 13.51
CA GLY A 33 -12.32 -11.08 12.55
C GLY A 33 -13.72 -11.63 12.43
N PHE A 34 -14.33 -11.83 13.57
CA PHE A 34 -15.68 -12.36 13.64
C PHE A 34 -16.75 -11.41 13.12
N ILE A 35 -16.73 -10.18 13.63
CA ILE A 35 -17.72 -9.20 13.27
C ILE A 35 -17.81 -8.85 11.80
N MET A 36 -16.67 -8.76 11.11
CA MET A 36 -16.65 -8.43 9.70
C MET A 36 -16.98 -9.66 8.84
N ASP A 37 -17.09 -10.81 9.48
CA ASP A 37 -17.31 -12.04 8.75
C ASP A 37 -18.74 -12.42 8.42
N ARG A 38 -19.44 -11.56 7.72
CA ARG A 38 -20.83 -11.83 7.33
C ARG A 38 -21.04 -11.16 5.99
N PHE A 39 -22.09 -11.54 5.28
CA PHE A 39 -22.33 -10.96 3.99
C PHE A 39 -22.93 -9.57 4.05
N VAL A 40 -22.58 -8.74 3.07
CA VAL A 40 -23.10 -7.39 3.02
C VAL A 40 -23.44 -7.16 1.57
N LYS A 41 -24.53 -6.43 1.33
CA LYS A 41 -24.97 -6.16 -0.04
C LYS A 41 -24.25 -4.98 -0.70
N ILE A 42 -23.98 -5.11 -2.00
CA ILE A 42 -23.39 -4.03 -2.77
C ILE A 42 -24.54 -3.52 -3.65
N ASN A 43 -24.91 -2.26 -3.44
CA ASN A 43 -26.05 -1.66 -4.12
C ASN A 43 -25.94 -1.27 -5.57
N SER A 44 -24.85 -0.65 -5.97
CA SER A 44 -24.71 -0.26 -7.37
C SER A 44 -24.21 -1.50 -8.11
N LEU A 45 -24.83 -1.83 -9.24
CA LEU A 45 -24.42 -3.00 -9.99
C LEU A 45 -24.51 -2.68 -11.47
N SER A 46 -23.92 -3.54 -12.29
CA SER A 46 -23.92 -3.35 -13.74
C SER A 46 -23.37 -4.64 -14.32
N PRO A 47 -23.72 -4.97 -15.59
CA PRO A 47 -23.24 -6.21 -16.24
C PRO A 47 -21.73 -6.47 -16.05
N THR A 48 -20.93 -5.42 -15.89
CA THR A 48 -19.49 -5.55 -15.63
C THR A 48 -19.31 -4.79 -14.32
N HIS A 49 -18.82 -5.46 -13.29
CA HIS A 49 -18.66 -4.81 -12.00
C HIS A 49 -17.29 -5.10 -11.42
N VAL A 50 -16.61 -4.05 -10.98
CA VAL A 50 -15.29 -4.19 -10.38
C VAL A 50 -15.49 -4.23 -8.87
N ILE A 51 -15.06 -5.32 -8.23
CA ILE A 51 -15.27 -5.45 -6.79
C ILE A 51 -14.46 -4.50 -5.94
N ASP A 52 -15.16 -3.63 -5.23
CA ASP A 52 -14.54 -2.61 -4.40
C ASP A 52 -15.33 -2.53 -3.11
N LEU A 53 -14.71 -2.98 -2.02
CA LEU A 53 -15.39 -2.96 -0.73
C LEU A 53 -15.91 -1.58 -0.32
N MET A 54 -15.40 -0.52 -0.95
CA MET A 54 -15.88 0.81 -0.57
C MET A 54 -17.27 1.12 -1.12
N GLN A 55 -17.78 0.30 -2.04
CA GLN A 55 -19.11 0.52 -2.60
C GLN A 55 -20.13 0.03 -1.58
N THR A 56 -19.61 -0.49 -0.49
CA THR A 56 -20.39 -0.98 0.62
C THR A 56 -21.18 0.21 1.22
N HIS A 57 -22.31 -0.01 1.87
CA HIS A 57 -23.02 1.15 2.42
C HIS A 57 -22.35 1.67 3.69
N LYS A 58 -22.10 2.96 3.73
CA LYS A 58 -21.40 3.58 4.86
C LYS A 58 -22.00 3.52 6.27
N HIS A 59 -23.24 3.03 6.39
CA HIS A 59 -23.86 2.94 7.72
C HIS A 59 -24.18 1.51 8.07
N GLY A 60 -23.88 0.62 7.11
CA GLY A 60 -24.09 -0.79 7.34
C GLY A 60 -23.06 -1.29 8.33
N ILE A 61 -23.41 -2.33 9.08
CA ILE A 61 -22.48 -2.82 10.08
C ILE A 61 -21.09 -3.07 9.51
N VAL A 62 -21.00 -3.68 8.34
CA VAL A 62 -19.69 -3.94 7.77
C VAL A 62 -19.07 -2.66 7.20
N GLY A 63 -19.86 -1.91 6.45
CA GLY A 63 -19.35 -0.71 5.85
C GLY A 63 -18.84 0.32 6.84
N ALA A 64 -19.65 0.56 7.88
CA ALA A 64 -19.31 1.51 8.91
C ALA A 64 -18.04 1.04 9.58
N LEU A 65 -18.03 -0.21 9.96
CA LEU A 65 -16.89 -0.77 10.65
C LEU A 65 -15.63 -0.73 9.81
N LEU A 66 -15.75 -1.03 8.52
CA LEU A 66 -14.61 -1.02 7.62
C LEU A 66 -14.05 0.41 7.59
N ARG A 67 -14.94 1.37 7.39
CA ARG A 67 -14.55 2.77 7.33
C ARG A 67 -13.94 3.32 8.63
N ALA A 68 -14.07 2.55 9.71
CA ALA A 68 -13.54 2.98 11.00
C ALA A 68 -12.11 2.44 11.19
N ALA A 69 -11.49 2.15 10.05
CA ALA A 69 -10.13 1.65 10.00
C ALA A 69 -9.48 2.27 8.76
N THR A 70 -8.20 2.57 8.86
CA THR A 70 -7.49 3.16 7.74
C THR A 70 -7.02 2.11 6.76
N TYR A 71 -6.40 1.04 7.28
CA TYR A 71 -5.90 -0.03 6.41
C TYR A 71 -6.52 -1.35 6.77
N TYR A 72 -6.70 -2.21 5.78
CA TYR A 72 -7.28 -3.50 6.01
C TYR A 72 -6.70 -4.54 5.09
N PHE A 73 -7.07 -5.79 5.36
CA PHE A 73 -6.67 -6.93 4.55
C PHE A 73 -7.70 -8.04 4.77
N SER A 74 -7.96 -8.80 3.71
CA SER A 74 -8.86 -9.94 3.79
C SER A 74 -8.98 -10.67 2.49
N ASP A 75 -9.50 -11.89 2.60
CA ASP A 75 -9.79 -12.69 1.44
C ASP A 75 -11.26 -12.34 1.25
N LEU A 76 -11.94 -13.04 0.36
CA LEU A 76 -13.31 -12.68 0.11
C LEU A 76 -14.15 -13.80 -0.39
N GLU A 77 -15.45 -13.66 -0.17
CA GLU A 77 -16.42 -14.62 -0.65
C GLU A 77 -17.47 -13.76 -1.33
N ILE A 78 -18.03 -14.24 -2.43
CA ILE A 78 -19.08 -13.47 -3.06
C ILE A 78 -20.24 -14.36 -3.42
N VAL A 79 -21.41 -13.74 -3.52
CA VAL A 79 -22.64 -14.42 -3.91
C VAL A 79 -23.20 -13.53 -4.98
N VAL A 80 -23.40 -14.08 -6.17
CA VAL A 80 -23.90 -13.30 -7.28
C VAL A 80 -25.08 -13.99 -7.94
N ARG A 81 -26.14 -13.23 -8.14
CA ARG A 81 -27.36 -13.71 -8.77
C ARG A 81 -27.25 -13.10 -10.16
N HIS A 82 -26.97 -13.93 -11.16
CA HIS A 82 -26.76 -13.41 -12.51
C HIS A 82 -27.40 -14.23 -13.60
N ASP A 83 -27.56 -13.60 -14.75
CA ASP A 83 -28.11 -14.26 -15.92
C ASP A 83 -26.89 -14.66 -16.72
N GLY A 84 -26.93 -15.81 -17.37
CA GLY A 84 -25.78 -16.24 -18.14
C GLY A 84 -24.67 -16.69 -17.22
N ASN A 85 -23.49 -16.86 -17.77
CA ASN A 85 -22.35 -17.32 -16.98
C ASN A 85 -21.60 -16.16 -16.36
N LEU A 86 -20.97 -16.41 -15.21
CA LEU A 86 -20.23 -15.37 -14.50
C LEU A 86 -18.73 -15.56 -14.65
N THR A 87 -18.02 -14.51 -15.03
CA THR A 87 -16.59 -14.62 -15.20
C THR A 87 -15.93 -13.63 -14.28
N TRP A 88 -14.93 -14.10 -13.55
CA TRP A 88 -14.21 -13.26 -12.62
C TRP A 88 -12.81 -13.12 -13.15
N VAL A 89 -12.19 -12.04 -12.75
CA VAL A 89 -10.86 -11.74 -13.22
C VAL A 89 -10.13 -11.08 -12.07
N PRO A 90 -8.85 -11.42 -11.90
CA PRO A 90 -8.06 -10.85 -10.81
C PRO A 90 -7.66 -9.39 -10.97
N ASN A 91 -7.28 -8.80 -9.85
CA ASN A 91 -6.85 -7.42 -9.81
C ASN A 91 -5.76 -7.21 -10.86
N GLY A 92 -5.82 -6.13 -11.61
CA GLY A 92 -4.80 -5.89 -12.61
C GLY A 92 -5.12 -6.37 -14.02
N ALA A 93 -6.25 -7.02 -14.21
CA ALA A 93 -6.59 -7.50 -15.55
C ALA A 93 -7.22 -6.49 -16.50
N PRO A 94 -6.92 -6.63 -17.80
CA PRO A 94 -7.48 -5.74 -18.82
C PRO A 94 -8.96 -6.08 -18.85
N GLU A 95 -9.82 -5.06 -18.82
CA GLU A 95 -11.28 -5.25 -18.84
C GLU A 95 -11.71 -6.27 -19.89
N ALA A 96 -11.03 -6.24 -21.04
CA ALA A 96 -11.33 -7.15 -22.12
C ALA A 96 -11.30 -8.62 -21.75
N ALA A 97 -10.50 -8.99 -20.76
CA ALA A 97 -10.41 -10.39 -20.38
C ALA A 97 -11.73 -11.01 -19.94
N LEU A 98 -12.59 -10.20 -19.33
CA LEU A 98 -13.88 -10.67 -18.83
C LEU A 98 -14.69 -11.46 -19.85
N SER A 99 -14.39 -11.31 -21.14
CA SER A 99 -15.15 -12.03 -22.13
C SER A 99 -14.69 -13.46 -22.30
N ASN A 100 -13.48 -13.77 -21.86
CA ASN A 100 -12.94 -15.09 -22.04
C ASN A 100 -13.22 -16.12 -20.98
N THR A 101 -13.66 -17.26 -21.46
CA THR A 101 -14.03 -18.40 -20.66
C THR A 101 -12.93 -19.10 -19.83
N SER A 102 -11.66 -19.02 -20.23
CA SER A 102 -10.61 -19.68 -19.46
C SER A 102 -10.25 -18.94 -18.18
N ASN A 103 -10.86 -17.79 -17.98
CA ASN A 103 -10.69 -17.09 -16.73
C ASN A 103 -11.78 -17.77 -15.90
N PRO A 104 -11.61 -17.84 -14.58
CA PRO A 104 -12.62 -18.48 -13.74
C PRO A 104 -14.05 -18.06 -14.16
N THR A 105 -14.74 -18.98 -14.80
CA THR A 105 -16.09 -18.72 -15.25
C THR A 105 -16.99 -19.78 -14.62
N ALA A 106 -18.04 -19.32 -13.92
CA ALA A 106 -18.98 -20.23 -13.29
C ALA A 106 -20.22 -20.28 -14.15
N TYR A 107 -20.56 -21.48 -14.61
CA TYR A 107 -21.74 -21.66 -15.44
C TYR A 107 -22.96 -21.56 -14.58
N ASN A 108 -23.92 -20.82 -15.11
CA ASN A 108 -25.18 -20.56 -14.43
C ASN A 108 -25.82 -21.79 -13.82
N LYS A 109 -26.13 -21.67 -12.53
CA LYS A 109 -26.79 -22.71 -11.75
C LYS A 109 -27.62 -21.93 -10.75
N ALA A 110 -28.91 -22.24 -10.72
CA ALA A 110 -29.85 -21.54 -9.87
C ALA A 110 -29.62 -21.92 -8.45
N PRO A 111 -29.93 -21.02 -7.51
CA PRO A 111 -30.49 -19.66 -7.65
C PRO A 111 -29.45 -18.55 -7.82
N PHE A 112 -28.22 -18.83 -7.41
CA PHE A 112 -27.13 -17.87 -7.52
C PHE A 112 -25.79 -18.57 -7.46
N THR A 113 -24.71 -17.81 -7.33
CA THR A 113 -23.38 -18.41 -7.34
C THR A 113 -22.57 -17.92 -6.16
N ARG A 114 -22.04 -18.85 -5.36
CA ARG A 114 -21.24 -18.47 -4.19
C ARG A 114 -19.85 -18.93 -4.46
N LEU A 115 -18.90 -18.01 -4.32
CA LEU A 115 -17.49 -18.25 -4.59
C LEU A 115 -16.54 -17.82 -3.50
N ALA A 116 -15.35 -18.38 -3.53
CA ALA A 116 -14.31 -18.05 -2.58
C ALA A 116 -13.19 -17.44 -3.41
N LEU A 117 -12.83 -16.20 -3.09
CA LEU A 117 -11.79 -15.48 -3.81
C LEU A 117 -10.65 -15.01 -2.94
N PRO A 118 -9.44 -14.98 -3.48
CA PRO A 118 -8.27 -14.55 -2.72
C PRO A 118 -7.98 -13.08 -2.90
N TYR A 119 -7.27 -12.51 -1.92
CA TYR A 119 -6.85 -11.12 -1.95
C TYR A 119 -5.96 -11.13 -3.17
N THR A 120 -6.11 -10.17 -4.05
CA THR A 120 -5.37 -10.23 -5.26
C THR A 120 -4.71 -8.91 -5.69
N ALA A 121 -4.63 -7.96 -4.76
CA ALA A 121 -4.02 -6.65 -5.03
C ALA A 121 -2.51 -6.76 -4.96
N PRO A 122 -1.79 -5.76 -5.49
CA PRO A 122 -0.34 -5.82 -5.45
C PRO A 122 0.27 -5.15 -4.21
N HIS A 123 -0.57 -4.57 -3.36
CA HIS A 123 -0.07 -3.89 -2.14
C HIS A 123 -0.13 -4.81 -0.92
N ARG A 124 0.72 -4.54 0.06
CA ARG A 124 0.74 -5.37 1.26
C ARG A 124 -0.56 -5.29 2.03
N VAL A 125 -1.33 -4.24 1.75
CA VAL A 125 -2.56 -4.02 2.47
C VAL A 125 -3.30 -2.91 1.71
N LEU A 126 -4.59 -2.77 1.94
CA LEU A 126 -5.34 -1.72 1.24
C LEU A 126 -5.75 -0.65 2.22
N ALA A 127 -6.33 0.42 1.68
CA ALA A 127 -6.75 1.53 2.51
C ALA A 127 -8.17 1.94 2.18
N THR A 128 -8.84 2.55 3.15
CA THR A 128 -10.21 3.02 2.96
C THR A 128 -10.17 4.50 2.56
N VAL A 129 -9.04 5.14 2.84
CA VAL A 129 -8.82 6.54 2.51
C VAL A 129 -7.33 6.67 2.09
N TYR A 130 -7.03 7.47 1.07
CA TYR A 130 -5.66 7.55 0.59
C TYR A 130 -5.32 8.98 0.18
N ASP A 131 -4.59 9.67 1.02
CA ASP A 131 -4.24 11.06 0.80
C ASP A 131 -3.21 11.23 -0.29
N GLY A 132 -3.64 10.97 -1.52
CA GLY A 132 -2.75 11.13 -2.64
C GLY A 132 -2.87 12.58 -3.05
N THR A 133 -1.74 13.23 -3.36
CA THR A 133 -1.76 14.62 -3.84
C THR A 133 -2.30 14.48 -5.26
N ASN A 134 -1.93 13.34 -5.87
CA ASN A 134 -2.32 12.93 -7.22
C ASN A 134 -2.64 11.43 -7.20
N LYS A 135 -1.57 10.60 -7.19
CA LYS A 135 -1.63 9.13 -7.23
C LYS A 135 -1.68 8.64 -8.71
N TYR A 136 -1.57 9.61 -9.65
CA TYR A 136 -1.62 9.39 -11.10
C TYR A 136 -0.30 9.55 -11.87
N SER A 137 -0.41 9.40 -13.20
CA SER A 137 0.68 9.49 -14.19
C SER A 137 1.68 10.65 -14.09
N THR A 155 -11.60 12.44 -3.15
CA THR A 155 -12.10 11.14 -2.62
C THR A 155 -11.85 9.99 -3.64
N GLN A 156 -10.86 10.17 -4.50
CA GLN A 156 -10.53 9.15 -5.48
C GLN A 156 -9.47 8.22 -4.88
N LEU A 157 -9.77 6.92 -4.87
CA LEU A 157 -8.85 5.92 -4.35
C LEU A 157 -8.11 5.27 -5.52
N PRO A 158 -6.87 4.81 -5.31
CA PRO A 158 -6.14 4.18 -6.42
C PRO A 158 -6.88 3.03 -7.10
N ALA A 159 -6.78 2.97 -8.42
CA ALA A 159 -7.41 1.91 -9.20
C ALA A 159 -7.02 0.54 -8.71
N SER A 160 -5.78 0.40 -8.25
CA SER A 160 -5.28 -0.87 -7.78
C SER A 160 -6.01 -1.40 -6.54
N PHE A 161 -6.76 -0.55 -5.87
CA PHE A 161 -7.48 -0.98 -4.67
C PHE A 161 -8.77 -1.74 -5.01
N ASN A 162 -8.66 -2.95 -5.54
CA ASN A 162 -9.86 -3.73 -5.87
C ASN A 162 -9.64 -5.23 -5.69
N TYR A 163 -10.71 -6.00 -5.80
CA TYR A 163 -10.65 -7.45 -5.65
C TYR A 163 -10.90 -8.17 -6.94
N GLY A 164 -10.65 -7.48 -8.05
CA GLY A 164 -10.88 -8.07 -9.35
C GLY A 164 -12.23 -7.62 -9.89
N ALA A 165 -12.68 -8.25 -10.97
CA ALA A 165 -13.94 -7.86 -11.54
C ALA A 165 -14.73 -9.06 -11.98
N ILE A 166 -16.03 -8.83 -12.17
CA ILE A 166 -16.93 -9.87 -12.60
C ILE A 166 -17.82 -9.34 -13.70
N GLN A 167 -18.30 -10.25 -14.53
CA GLN A 167 -19.16 -9.90 -15.63
C GLN A 167 -20.09 -11.06 -15.95
N ALA A 168 -21.30 -10.72 -16.40
CA ALA A 168 -22.31 -11.70 -16.75
C ALA A 168 -23.30 -10.97 -17.66
N GLN A 169 -24.23 -11.70 -18.27
CA GLN A 169 -25.22 -11.05 -19.14
C GLN A 169 -25.95 -9.99 -18.36
N ALA A 170 -26.16 -10.25 -17.08
CA ALA A 170 -26.83 -9.30 -16.21
C ALA A 170 -26.47 -9.70 -14.79
N ILE A 171 -26.31 -8.71 -13.91
CA ILE A 171 -25.99 -9.01 -12.53
C ILE A 171 -27.04 -8.40 -11.61
N HIS A 172 -27.92 -9.26 -11.10
CA HIS A 172 -29.00 -8.80 -10.25
C HIS A 172 -28.67 -8.52 -8.78
N GLU A 173 -27.84 -9.36 -8.15
CA GLU A 173 -27.47 -9.13 -6.73
C GLU A 173 -26.00 -9.44 -6.54
N LEU A 174 -25.40 -8.77 -5.56
CA LEU A 174 -24.00 -8.98 -5.25
C LEU A 174 -23.80 -8.84 -3.75
N LEU A 175 -23.42 -9.95 -3.12
CA LEU A 175 -23.15 -9.95 -1.69
C LEU A 175 -21.68 -10.23 -1.54
N VAL A 176 -21.07 -9.54 -0.60
CA VAL A 176 -19.65 -9.69 -0.42
C VAL A 176 -19.37 -10.08 1.03
N ARG A 177 -18.33 -10.88 1.26
CA ARG A 177 -17.99 -11.33 2.62
C ARG A 177 -16.50 -11.31 2.89
N MET A 178 -16.09 -10.50 3.87
CA MET A 178 -14.66 -10.40 4.20
C MET A 178 -14.16 -11.56 5.06
N LYS A 179 -13.27 -12.38 4.50
CA LYS A 179 -12.72 -13.52 5.24
C LYS A 179 -11.33 -13.17 5.72
N ARG A 180 -11.00 -13.61 6.94
CA ARG A 180 -9.68 -13.35 7.56
C ARG A 180 -9.39 -11.87 7.71
N ALA A 181 -10.41 -11.05 7.99
CA ALA A 181 -10.17 -9.62 8.07
C ALA A 181 -9.13 -9.15 9.08
N GLU A 182 -8.40 -8.12 8.70
CA GLU A 182 -7.40 -7.52 9.55
C GLU A 182 -7.63 -6.02 9.43
N LEU A 183 -7.82 -5.34 10.56
CA LEU A 183 -8.05 -3.89 10.54
C LEU A 183 -6.93 -3.17 11.25
N TYR A 184 -6.55 -2.00 10.74
CA TYR A 184 -5.46 -1.22 11.32
C TYR A 184 -5.76 0.26 11.36
N CYS A 185 -5.23 0.94 12.37
CA CYS A 185 -5.37 2.38 12.50
C CYS A 185 -6.80 2.83 12.48
N PRO A 186 -7.49 2.63 13.60
CA PRO A 186 -8.89 3.01 13.74
C PRO A 186 -9.09 4.51 13.57
N ARG A 187 -10.22 4.86 12.98
CA ARG A 187 -10.64 6.23 12.72
C ARG A 187 -12.15 6.35 13.08
N PRO A 188 -12.67 7.59 13.23
CA PRO A 188 -14.07 7.84 13.61
C PRO A 188 -15.21 6.94 13.16
N LEU A 189 -16.05 6.55 14.10
CA LEU A 189 -17.21 5.71 13.86
C LEU A 189 -18.39 6.47 14.52
N LEU A 190 -19.33 6.97 13.73
CA LEU A 190 -20.42 7.77 14.26
C LEU A 190 -21.76 7.11 14.38
N ALA A 191 -22.51 7.54 15.38
CA ALA A 191 -23.86 7.04 15.60
C ALA A 191 -24.83 8.06 14.99
N ILE A 192 -26.12 7.74 14.96
CA ILE A 192 -27.16 8.61 14.42
C ILE A 192 -27.11 9.91 15.23
N LYS A 193 -27.18 11.06 14.58
CA LYS A 193 -27.14 12.30 15.35
C LYS A 193 -28.48 12.48 16.08
N VAL A 194 -28.42 13.00 17.30
CA VAL A 194 -29.60 13.16 18.11
C VAL A 194 -30.10 14.58 18.20
N THR A 195 -31.36 14.75 17.81
CA THR A 195 -32.00 16.05 17.83
C THR A 195 -32.84 16.14 19.08
N SER A 196 -33.34 14.99 19.51
CA SER A 196 -34.18 14.89 20.67
C SER A 196 -33.43 15.31 21.93
N GLN A 197 -34.11 16.04 22.78
CA GLN A 197 -33.54 16.57 24.03
C GLN A 197 -32.62 15.65 24.85
N ASP A 198 -32.91 14.36 24.87
CA ASP A 198 -32.12 13.46 25.70
C ASP A 198 -31.53 12.18 25.08
N ARG A 199 -32.37 11.42 24.40
CA ARG A 199 -31.96 10.15 23.79
C ARG A 199 -32.60 10.01 22.44
N TYR A 200 -32.03 9.13 21.63
CA TYR A 200 -32.62 8.82 20.34
C TYR A 200 -33.55 7.65 20.68
N LYS A 201 -34.85 7.87 20.60
CA LYS A 201 -35.78 6.79 20.90
C LYS A 201 -36.31 6.18 19.60
N GLN A 202 -36.52 4.87 19.58
CA GLN A 202 -37.04 4.23 18.39
C GLN A 202 -37.82 2.98 18.79
N LYS A 203 -38.71 2.53 17.90
CA LYS A 203 -39.54 1.36 18.19
C LYS A 203 -38.68 0.11 18.23
N ILE A 204 -38.61 -0.51 19.41
CA ILE A 204 -37.85 -1.73 19.60
C ILE A 204 -38.82 -2.88 19.58
N ILE A 205 -38.44 -3.99 18.96
CA ILE A 205 -39.34 -5.12 18.84
C ILE A 205 -39.91 -5.55 20.17
N ALA A 206 -41.19 -5.92 20.13
CA ALA A 206 -41.90 -6.38 21.32
C ALA A 206 -43.05 -7.22 20.83
N PRO A 207 -43.45 -8.22 21.61
CA PRO A 207 -44.57 -9.07 21.20
C PRO A 207 -45.84 -8.24 21.15
N ALA A 208 -46.78 -8.65 20.30
CA ALA A 208 -48.04 -7.92 20.13
C ALA A 208 -49.07 -8.32 21.19
N ASP B 12 9.97 18.81 37.87
CA ASP B 12 10.83 18.84 36.66
C ASP B 12 10.60 17.69 35.66
N ARG B 13 9.84 18.03 34.63
CA ARG B 13 9.50 17.11 33.56
C ARG B 13 10.33 17.73 32.45
N LEU B 14 11.63 17.54 32.62
CA LEU B 14 12.67 18.07 31.76
C LEU B 14 13.12 17.06 30.72
N LEU B 15 12.80 17.33 29.47
CA LEU B 15 13.14 16.38 28.41
C LEU B 15 13.93 17.06 27.33
N THR B 16 15.00 16.41 26.88
CA THR B 16 15.81 16.98 25.83
C THR B 16 15.98 15.92 24.74
N THR B 17 15.49 16.25 23.56
CA THR B 17 15.49 15.38 22.40
C THR B 17 16.61 15.77 21.48
N ARG B 18 17.21 14.76 20.87
CA ARG B 18 18.29 14.97 19.95
C ARG B 18 18.06 14.22 18.63
N ASN B 19 18.30 14.90 17.51
CA ASN B 19 18.17 14.31 16.19
C ASN B 19 19.32 14.89 15.39
N GLY B 20 20.32 14.05 15.14
CA GLY B 20 21.48 14.47 14.40
C GLY B 20 22.17 15.54 15.23
N HIS B 21 22.65 16.58 14.58
CA HIS B 21 23.32 17.66 15.27
C HIS B 21 22.32 18.73 15.72
N THR B 22 21.11 18.33 16.08
CA THR B 22 20.16 19.34 16.55
C THR B 22 19.50 18.83 17.80
N THR B 23 19.34 19.71 18.79
CA THR B 23 18.68 19.31 20.01
C THR B 23 17.58 20.28 20.36
N SER B 24 16.70 19.83 21.23
CA SER B 24 15.59 20.65 21.67
C SER B 24 15.27 20.18 23.07
N THR B 25 15.13 21.11 24.01
CA THR B 25 14.84 20.71 25.37
C THR B 25 13.68 21.52 25.92
N THR B 26 12.80 20.88 26.69
CA THR B 26 11.62 21.50 27.29
C THR B 26 11.67 21.31 28.77
N GLN B 27 11.08 22.22 29.53
CA GLN B 27 11.06 22.07 30.97
C GLN B 27 9.61 21.89 31.42
N SER B 28 8.75 21.56 30.48
CA SER B 28 7.34 21.33 30.80
C SER B 28 6.81 20.23 29.85
N SER B 29 7.49 19.09 29.83
CA SER B 29 7.05 18.04 28.94
C SER B 29 6.06 17.20 29.68
N VAL B 30 5.30 16.40 28.94
CA VAL B 30 4.31 15.54 29.52
C VAL B 30 4.59 14.16 28.94
N GLY B 31 5.81 13.98 28.48
CA GLY B 31 6.22 12.71 27.91
C GLY B 31 6.12 12.72 26.41
N VAL B 32 6.38 11.57 25.82
CA VAL B 32 6.30 11.41 24.38
C VAL B 32 5.24 10.37 24.09
N THR B 33 4.44 10.59 23.05
CA THR B 33 3.43 9.62 22.68
C THR B 33 3.91 8.91 21.43
N TYR B 34 3.97 7.59 21.51
CA TYR B 34 4.37 6.79 20.37
C TYR B 34 3.09 6.36 19.70
N GLY B 35 3.04 6.49 18.37
CA GLY B 35 1.84 6.12 17.66
C GLY B 35 1.84 4.83 16.88
N TYR B 36 0.86 3.96 17.13
CA TYR B 36 0.68 2.71 16.39
C TYR B 36 1.78 1.67 16.53
N SER B 37 2.99 2.11 16.83
CA SER B 37 4.11 1.21 16.97
C SER B 37 5.24 1.88 17.68
N THR B 38 6.17 1.07 18.12
CA THR B 38 7.30 1.56 18.86
C THR B 38 8.60 1.28 18.14
N GLU B 39 8.49 0.62 16.98
CA GLU B 39 9.62 0.25 16.15
C GLU B 39 9.22 0.56 14.71
N GLU B 40 10.10 0.27 13.76
CA GLU B 40 9.80 0.50 12.36
C GLU B 40 9.67 -0.86 11.67
N ASP B 41 8.80 -0.98 10.67
CA ASP B 41 8.69 -2.26 9.94
C ASP B 41 9.99 -2.49 9.14
N HIS B 42 10.14 -3.64 8.50
CA HIS B 42 11.39 -3.86 7.80
C HIS B 42 11.61 -2.95 6.61
N VAL B 43 12.63 -2.11 6.69
CA VAL B 43 12.98 -1.16 5.62
C VAL B 43 13.68 -1.78 4.40
N ALA B 44 13.85 -3.11 4.42
CA ALA B 44 14.50 -3.79 3.31
C ALA B 44 13.58 -4.87 2.79
N GLY B 45 12.63 -4.47 1.95
CA GLY B 45 11.71 -5.44 1.41
C GLY B 45 12.04 -5.74 -0.02
N PRO B 46 11.30 -6.67 -0.61
CA PRO B 46 11.51 -7.07 -2.00
C PRO B 46 11.38 -5.95 -3.02
N ASN B 47 10.49 -5.01 -2.78
CA ASN B 47 10.25 -3.94 -3.74
C ASN B 47 11.38 -2.98 -4.05
N THR B 48 12.48 -3.09 -3.34
CA THR B 48 13.60 -2.19 -3.55
C THR B 48 14.79 -2.97 -4.02
N SER B 49 14.60 -4.28 -4.15
CA SER B 49 15.69 -5.18 -4.49
C SER B 49 16.74 -4.78 -3.44
N GLY B 50 18.01 -4.85 -3.69
CA GLY B 50 18.84 -4.43 -2.57
C GLY B 50 19.29 -2.99 -2.62
N LEU B 51 18.67 -2.19 -3.49
CA LEU B 51 19.15 -0.84 -3.72
C LEU B 51 18.85 0.33 -2.81
N GLU B 52 18.20 0.12 -1.67
CA GLU B 52 17.89 1.26 -0.81
C GLU B 52 19.10 1.59 0.03
N THR B 53 19.16 2.81 0.56
CA THR B 53 20.24 3.25 1.44
C THR B 53 19.66 4.21 2.47
N ARG B 54 20.34 4.36 3.60
CA ARG B 54 19.86 5.24 4.65
C ARG B 54 20.61 6.56 4.60
N VAL B 55 19.90 7.69 4.63
CA VAL B 55 20.63 8.95 4.62
C VAL B 55 20.44 9.73 5.91
N VAL B 56 21.32 9.40 6.84
CA VAL B 56 21.34 9.95 8.18
C VAL B 56 21.47 11.48 8.24
N GLN B 57 22.06 12.09 7.23
CA GLN B 57 22.20 13.53 7.20
C GLN B 57 20.83 14.23 7.16
N ALA B 58 19.76 13.50 6.89
CA ALA B 58 18.45 14.12 6.83
C ALA B 58 17.71 14.03 8.14
N GLU B 59 18.23 13.26 9.06
CA GLU B 59 17.52 13.06 10.31
C GLU B 59 17.84 14.12 11.34
N ARG B 60 17.19 15.27 11.15
CA ARG B 60 17.39 16.40 12.02
C ARG B 60 16.16 17.29 11.95
N PHE B 61 16.07 18.19 12.92
CA PHE B 61 14.95 19.10 13.04
C PHE B 61 14.83 20.22 12.00
N PHE B 62 13.61 20.52 11.60
CA PHE B 62 13.32 21.64 10.71
C PHE B 62 12.13 22.31 11.33
N LYS B 63 11.87 23.55 10.94
CA LYS B 63 10.78 24.28 11.59
C LYS B 63 9.65 24.74 10.71
N LYS B 64 8.47 24.87 11.29
CA LYS B 64 7.35 25.31 10.50
C LYS B 64 6.32 25.95 11.43
N PHE B 65 5.88 27.16 11.08
CA PHE B 65 4.88 27.87 11.87
C PHE B 65 3.50 27.26 11.57
N LEU B 66 2.69 27.09 12.60
CA LEU B 66 1.38 26.49 12.40
C LEU B 66 0.27 27.53 12.34
N PHE B 67 0.05 28.28 13.43
CA PHE B 67 -1.00 29.30 13.45
C PHE B 67 -1.00 30.09 14.75
N ASP B 68 -1.87 31.10 14.82
CA ASP B 68 -1.99 31.91 16.03
C ASP B 68 -3.19 31.47 16.84
N TRP B 69 -2.95 30.96 18.04
CA TRP B 69 -4.04 30.53 18.91
C TRP B 69 -4.59 31.82 19.53
N THR B 70 -5.78 32.22 19.10
CA THR B 70 -6.41 33.45 19.57
C THR B 70 -7.76 33.14 20.23
N THR B 71 -8.24 34.05 21.06
CA THR B 71 -9.51 33.81 21.74
C THR B 71 -10.72 33.60 20.85
N ASP B 72 -10.70 34.14 19.64
CA ASP B 72 -11.86 33.97 18.78
C ASP B 72 -11.99 32.64 18.11
N LYS B 73 -10.92 31.85 18.03
CA LYS B 73 -11.01 30.54 17.37
C LYS B 73 -11.69 29.61 18.37
N PRO B 74 -12.83 29.04 17.97
CA PRO B 74 -13.67 28.13 18.75
C PRO B 74 -13.26 26.68 18.67
N PHE B 75 -13.99 25.88 19.46
CA PHE B 75 -13.77 24.46 19.48
C PHE B 75 -13.94 23.99 18.05
N GLY B 76 -13.07 23.10 17.61
CA GLY B 76 -13.18 22.61 16.26
C GLY B 76 -12.23 23.30 15.31
N TYR B 77 -11.75 24.51 15.65
CA TYR B 77 -10.82 25.20 14.75
C TYR B 77 -9.65 24.28 14.55
N LEU B 78 -9.36 24.00 13.31
CA LEU B 78 -8.29 23.05 13.03
C LEU B 78 -7.27 23.51 12.01
N THR B 79 -6.00 23.30 12.30
CA THR B 79 -4.92 23.60 11.37
C THR B 79 -4.20 22.28 11.13
N LYS B 80 -3.82 22.01 9.89
CA LYS B 80 -3.11 20.77 9.59
C LYS B 80 -1.91 21.04 8.73
N LEU B 81 -0.95 20.12 8.75
CA LEU B 81 0.27 20.24 7.99
C LEU B 81 0.59 18.84 7.46
N GLU B 82 0.41 18.64 6.15
CA GLU B 82 0.67 17.35 5.54
C GLU B 82 2.15 17.14 5.38
N LEU B 83 2.63 15.98 5.81
CA LEU B 83 4.03 15.62 5.74
C LEU B 83 4.31 14.59 4.66
N PRO B 84 5.43 14.72 3.97
CA PRO B 84 6.41 15.79 4.20
C PRO B 84 5.93 17.08 3.60
N THR B 85 6.48 18.17 4.10
CA THR B 85 6.09 19.46 3.59
C THR B 85 7.29 19.99 2.83
N ASP B 86 7.18 21.21 2.34
CA ASP B 86 8.25 21.83 1.59
C ASP B 86 9.48 21.87 2.47
N HIS B 87 10.56 21.23 2.02
CA HIS B 87 11.80 21.20 2.79
C HIS B 87 12.91 21.79 1.95
N HIS B 88 13.74 22.64 2.53
CA HIS B 88 14.81 23.27 1.77
C HIS B 88 16.19 22.82 2.23
N GLY B 89 16.24 21.66 2.86
CA GLY B 89 17.50 21.12 3.34
C GLY B 89 17.81 19.80 2.65
N VAL B 90 18.60 18.94 3.29
CA VAL B 90 18.91 17.72 2.60
C VAL B 90 17.70 16.84 2.39
N PHE B 91 16.73 16.92 3.30
CA PHE B 91 15.57 16.07 3.11
C PHE B 91 14.90 16.41 1.79
N GLY B 92 14.73 17.72 1.58
CA GLY B 92 14.11 18.18 0.36
C GLY B 92 14.89 17.75 -0.87
N HIS B 93 16.21 17.81 -0.79
CA HIS B 93 17.00 17.41 -1.94
C HIS B 93 16.76 15.94 -2.23
N LEU B 94 16.62 15.14 -1.17
CA LEU B 94 16.40 13.71 -1.33
C LEU B 94 15.17 13.48 -2.19
N VAL B 95 14.09 14.15 -1.84
CA VAL B 95 12.85 14.00 -2.57
C VAL B 95 12.97 14.29 -4.06
N ASP B 96 13.95 15.10 -4.45
CA ASP B 96 14.15 15.45 -5.86
C ASP B 96 15.19 14.58 -6.51
N SER B 97 15.92 13.80 -5.72
CA SER B 97 16.98 12.97 -6.28
C SER B 97 16.71 11.48 -6.31
N TYR B 98 15.64 11.05 -5.65
CA TYR B 98 15.29 9.64 -5.60
C TYR B 98 13.83 9.42 -5.88
N ALA B 99 13.57 8.36 -6.63
CA ALA B 99 12.23 8.03 -7.01
C ALA B 99 11.38 7.60 -5.82
N TYR B 100 12.00 6.92 -4.85
CA TYR B 100 11.27 6.41 -3.69
C TYR B 100 11.94 6.64 -2.36
N MET B 101 11.14 6.94 -1.34
CA MET B 101 11.65 7.19 -0.01
C MET B 101 10.70 6.65 1.01
N ARG B 102 11.15 6.64 2.26
CA ARG B 102 10.34 6.23 3.42
C ARG B 102 11.09 6.75 4.63
N ASN B 103 10.33 7.10 5.66
CA ASN B 103 10.89 7.60 6.91
C ASN B 103 9.71 7.79 7.86
N GLY B 104 10.00 7.97 9.14
CA GLY B 104 8.95 8.19 10.13
C GLY B 104 9.11 9.63 10.59
N TRP B 105 8.38 10.04 11.63
CA TRP B 105 8.49 11.43 12.11
C TRP B 105 8.57 11.56 13.62
N ASP B 106 9.42 12.48 14.06
CA ASP B 106 9.56 12.77 15.47
C ASP B 106 9.08 14.21 15.50
N VAL B 107 7.89 14.41 16.05
CA VAL B 107 7.23 15.69 16.11
C VAL B 107 7.16 16.30 17.50
N GLU B 108 7.40 17.60 17.52
CA GLU B 108 7.36 18.34 18.75
C GLU B 108 6.62 19.63 18.41
N VAL B 109 5.58 19.95 19.18
CA VAL B 109 4.81 21.18 18.93
C VAL B 109 4.75 21.97 20.21
N SER B 110 4.90 23.61 20.08
CA SER B 110 4.98 24.61 21.14
C SER B 110 3.87 25.64 21.00
N ALA B 111 3.25 25.60 22.16
CA ALA B 111 2.28 26.67 22.20
C ALA B 111 2.60 27.39 23.49
N VAL B 112 3.55 28.32 23.40
CA VAL B 112 4.00 29.05 24.57
C VAL B 112 3.37 30.40 24.82
N GLY B 113 2.60 30.47 25.92
CA GLY B 113 1.95 31.69 26.36
C GLY B 113 2.40 31.80 27.81
N ASN B 114 1.51 31.59 28.77
CA ASN B 114 1.90 31.58 30.17
C ASN B 114 0.89 30.91 31.08
N GLN B 115 1.31 30.61 32.30
CA GLN B 115 0.47 29.92 33.26
C GLN B 115 -0.89 30.58 33.52
N PHE B 116 -1.02 31.87 33.21
CA PHE B 116 -2.29 32.54 33.44
C PHE B 116 -3.28 32.50 32.27
N ASN B 117 -2.94 31.69 31.27
CA ASN B 117 -3.81 31.50 30.11
C ASN B 117 -4.64 30.26 30.41
N GLY B 118 -5.65 30.01 29.60
CA GLY B 118 -6.48 28.84 29.79
C GLY B 118 -6.85 28.36 28.41
N GLY B 119 -7.40 27.16 28.33
CA GLY B 119 -7.77 26.61 27.05
C GLY B 119 -7.05 25.31 26.88
N CYS B 120 -7.24 24.64 25.74
CA CYS B 120 -6.59 23.36 25.52
C CYS B 120 -6.58 23.02 24.05
N LEU B 121 -5.40 22.64 23.54
CA LEU B 121 -5.24 22.26 22.15
C LEU B 121 -5.02 20.77 22.09
N LEU B 122 -5.44 20.15 20.99
CA LEU B 122 -5.26 18.72 20.79
C LEU B 122 -4.32 18.62 19.62
N VAL B 123 -3.19 17.94 19.81
CA VAL B 123 -2.26 17.78 18.70
C VAL B 123 -2.19 16.30 18.43
N ALA B 124 -2.39 15.95 17.16
CA ALA B 124 -2.41 14.56 16.76
C ALA B 124 -1.78 14.35 15.40
N MET B 125 -1.29 13.14 15.18
CA MET B 125 -0.70 12.78 13.89
C MET B 125 -1.72 11.83 13.26
N VAL B 126 -2.17 12.16 12.06
CA VAL B 126 -3.18 11.36 11.40
C VAL B 126 -2.70 10.71 10.11
N PRO B 127 -2.95 9.41 9.96
CA PRO B 127 -2.52 8.70 8.75
C PRO B 127 -3.62 8.86 7.68
N GLU B 128 -3.22 9.12 6.44
CA GLU B 128 -4.18 9.29 5.33
C GLU B 128 -5.29 10.32 5.67
N TRP B 129 -4.93 11.60 5.61
CA TRP B 129 -5.90 12.64 5.95
C TRP B 129 -7.11 12.73 5.03
N LYS B 130 -8.19 13.23 5.60
CA LYS B 130 -9.46 13.45 4.92
C LYS B 130 -10.14 14.54 5.76
N ALA B 131 -10.64 15.61 5.15
CA ALA B 131 -11.30 16.68 5.91
C ALA B 131 -12.38 16.05 6.81
N PHE B 132 -12.31 16.36 8.09
CA PHE B 132 -13.24 15.82 9.05
C PHE B 132 -14.51 16.61 9.28
N ASP B 133 -15.60 15.86 9.34
CA ASP B 133 -16.94 16.34 9.59
C ASP B 133 -16.83 16.89 11.01
N THR B 134 -17.61 17.89 11.35
CA THR B 134 -17.48 18.40 12.71
C THR B 134 -17.82 17.35 13.79
N ARG B 135 -18.75 16.44 13.53
CA ARG B 135 -19.04 15.42 14.55
C ARG B 135 -17.84 14.51 14.73
N GLU B 136 -17.13 14.23 13.65
CA GLU B 136 -15.98 13.34 13.74
C GLU B 136 -14.88 13.94 14.63
N LYS B 137 -14.85 15.26 14.79
CA LYS B 137 -13.80 15.89 15.61
C LYS B 137 -13.82 15.37 17.05
N TYR B 138 -14.99 14.98 17.53
CA TYR B 138 -15.13 14.47 18.89
C TYR B 138 -14.38 13.19 19.14
N GLN B 139 -14.02 12.49 18.05
CA GLN B 139 -13.32 11.23 18.15
C GLN B 139 -11.89 11.29 17.60
N LEU B 140 -11.37 12.50 17.44
CA LEU B 140 -10.03 12.66 16.91
C LEU B 140 -8.96 12.06 17.84
N THR B 141 -9.36 11.67 19.05
CA THR B 141 -8.41 11.10 19.99
C THR B 141 -8.06 9.66 19.70
N LEU B 142 -8.69 9.06 18.70
CA LEU B 142 -8.39 7.70 18.30
C LEU B 142 -7.05 7.71 17.57
N PHE B 143 -6.55 8.91 17.27
CA PHE B 143 -5.26 9.02 16.59
C PHE B 143 -4.20 9.32 17.60
N PRO B 144 -2.93 9.02 17.27
CA PRO B 144 -1.84 9.30 18.21
C PRO B 144 -1.95 10.77 18.57
N HIS B 145 -2.03 11.08 19.86
CA HIS B 145 -2.16 12.48 20.23
C HIS B 145 -1.52 12.87 21.57
N GLN B 146 -1.71 14.14 21.90
CA GLN B 146 -1.27 14.71 23.16
C GLN B 146 -1.96 16.06 23.24
N PHE B 147 -2.04 16.61 24.43
CA PHE B 147 -2.70 17.90 24.61
C PHE B 147 -1.73 18.95 25.09
N ILE B 148 -2.11 20.21 24.90
CA ILE B 148 -1.32 21.31 25.40
C ILE B 148 -2.29 22.20 26.14
N SER B 149 -2.08 22.37 27.44
CA SER B 149 -2.94 23.24 28.27
C SER B 149 -1.95 24.06 29.04
N PRO B 150 -2.05 25.38 28.92
CA PRO B 150 -1.18 26.36 29.58
C PRO B 150 -0.93 26.08 31.04
N ARG B 151 -1.96 25.68 31.76
CA ARG B 151 -1.80 25.38 33.18
C ARG B 151 -0.86 24.23 33.44
N THR B 152 -0.59 23.43 32.42
CA THR B 152 0.25 22.27 32.60
C THR B 152 1.50 22.19 31.74
N ASN B 153 1.35 22.35 30.44
CA ASN B 153 2.50 22.21 29.56
C ASN B 153 2.53 23.15 28.39
N MET B 154 3.71 23.33 27.82
CA MET B 154 3.87 24.19 26.64
C MET B 154 4.28 23.38 25.43
N THR B 155 4.61 22.11 25.62
CA THR B 155 5.04 21.29 24.50
C THR B 155 4.35 19.96 24.42
N ALA B 156 4.12 19.52 23.19
CA ALA B 156 3.50 18.23 22.92
C ALA B 156 4.57 17.53 22.09
N HIS B 157 4.70 16.22 22.23
CA HIS B 157 5.72 15.47 21.51
C HIS B 157 5.18 14.11 21.09
N ILE B 158 5.14 13.85 19.78
CA ILE B 158 4.62 12.58 19.27
C ILE B 158 5.65 11.98 18.30
N THR B 159 5.80 10.65 18.34
CA THR B 159 6.75 9.99 17.47
C THR B 159 6.02 8.88 16.72
N VAL B 160 6.07 8.91 15.39
CA VAL B 160 5.36 7.90 14.61
C VAL B 160 6.23 7.25 13.59
N PRO B 161 5.88 6.02 13.21
CA PRO B 161 6.61 5.23 12.23
C PRO B 161 6.07 5.42 10.83
N TYR B 162 6.84 4.99 9.84
CA TYR B 162 6.37 5.08 8.49
C TYR B 162 5.32 4.00 8.34
N LEU B 163 4.33 4.26 7.48
CA LEU B 163 3.30 3.28 7.22
C LEU B 163 2.64 3.60 5.90
N GLY B 164 1.77 2.69 5.44
CA GLY B 164 1.11 2.92 4.17
C GLY B 164 1.08 1.63 3.39
N VAL B 165 0.23 1.58 2.37
CA VAL B 165 0.09 0.38 1.57
C VAL B 165 1.36 0.00 0.80
N ASN B 166 2.27 0.94 0.62
CA ASN B 166 3.52 0.62 -0.06
C ASN B 166 4.67 0.77 0.89
N ARG B 167 5.57 -0.22 0.88
CA ARG B 167 6.72 -0.21 1.78
C ARG B 167 7.54 1.05 1.63
N TYR B 168 7.55 1.62 0.42
CA TYR B 168 8.25 2.88 0.09
C TYR B 168 7.24 3.77 -0.63
N ASP B 169 7.47 5.07 -0.64
CA ASP B 169 6.51 6.00 -1.24
C ASP B 169 7.14 6.97 -2.20
N GLN B 170 6.27 7.74 -2.85
CA GLN B 170 6.64 8.78 -3.80
C GLN B 170 5.96 9.99 -3.19
N TYR B 171 6.69 10.66 -2.31
CA TYR B 171 6.12 11.77 -1.59
C TYR B 171 5.53 12.84 -2.47
N LYS B 172 5.98 12.92 -3.70
CA LYS B 172 5.46 13.92 -4.59
C LYS B 172 4.02 13.60 -5.04
N LYS B 173 3.57 12.39 -4.77
CA LYS B 173 2.25 11.93 -5.15
C LYS B 173 1.35 11.52 -3.99
N HIS B 174 1.93 11.27 -2.82
CA HIS B 174 1.13 10.84 -1.68
C HIS B 174 1.82 11.24 -0.37
N LYS B 175 1.04 11.74 0.58
CA LYS B 175 1.57 12.18 1.87
C LYS B 175 0.90 11.37 2.99
N PRO B 176 1.52 10.27 3.44
CA PRO B 176 0.98 9.41 4.50
C PRO B 176 0.56 10.05 5.81
N TRP B 177 1.45 10.82 6.42
CA TRP B 177 1.14 11.45 7.68
C TRP B 177 0.78 12.90 7.51
N THR B 178 -0.05 13.40 8.42
CA THR B 178 -0.40 14.80 8.40
C THR B 178 -0.70 15.24 9.85
N LEU B 179 0.09 16.21 10.30
CA LEU B 179 0.01 16.77 11.64
C LEU B 179 -1.21 17.64 11.77
N VAL B 180 -1.92 17.50 12.88
CA VAL B 180 -3.08 18.32 13.08
C VAL B 180 -3.22 18.82 14.51
N VAL B 181 -3.43 20.13 14.65
CA VAL B 181 -3.60 20.79 15.93
C VAL B 181 -5.00 21.40 15.91
N MET B 182 -5.77 21.18 16.96
CA MET B 182 -7.13 21.67 16.99
C MET B 182 -7.54 22.23 18.33
N VAL B 183 -8.34 23.29 18.30
CA VAL B 183 -8.79 23.91 19.52
C VAL B 183 -9.85 23.02 20.14
N LEU B 184 -9.62 22.64 21.39
CA LEU B 184 -10.56 21.79 22.10
C LEU B 184 -11.36 22.70 22.98
N SER B 185 -10.67 23.59 23.67
CA SER B 185 -11.35 24.57 24.51
C SER B 185 -10.62 25.87 24.15
N PRO B 186 -11.37 26.92 23.81
CA PRO B 186 -10.80 28.21 23.44
C PRO B 186 -9.87 28.80 24.47
N LEU B 187 -8.90 29.52 23.93
CA LEU B 187 -7.91 30.20 24.72
C LEU B 187 -8.60 31.22 25.60
N THR B 188 -8.16 31.36 26.83
CA THR B 188 -8.71 32.37 27.71
C THR B 188 -7.57 33.25 28.16
N VAL B 189 -7.80 34.55 28.19
CA VAL B 189 -6.76 35.48 28.62
C VAL B 189 -7.30 36.35 29.74
N SER B 190 -6.39 36.91 30.51
CA SER B 190 -6.76 37.78 31.61
C SER B 190 -5.75 38.90 31.52
N ASN B 191 -5.72 39.75 32.52
CA ASN B 191 -4.80 40.85 32.52
C ASN B 191 -3.36 40.40 32.59
N THR B 192 -3.14 39.26 33.22
CA THR B 192 -1.81 38.75 33.41
C THR B 192 -1.34 37.69 32.42
N ALA B 193 -2.27 37.19 31.60
CA ALA B 193 -1.93 36.16 30.62
C ALA B 193 -1.39 36.73 29.33
N ALA B 194 -0.89 35.86 28.47
CA ALA B 194 -0.39 36.28 27.18
C ALA B 194 -1.66 36.58 26.39
N PRO B 195 -1.65 37.62 25.56
CA PRO B 195 -2.81 38.01 24.74
C PRO B 195 -3.20 36.98 23.70
N GLN B 196 -2.20 36.26 23.18
CA GLN B 196 -2.39 35.23 22.18
C GLN B 196 -1.20 34.29 22.21
N ILE B 197 -1.32 33.13 21.57
CA ILE B 197 -0.24 32.15 21.57
C ILE B 197 0.10 31.64 20.16
N LYS B 198 1.34 31.87 19.72
CA LYS B 198 1.75 31.41 18.40
C LYS B 198 2.14 29.96 18.54
N VAL B 199 1.63 29.14 17.65
CA VAL B 199 1.92 27.73 17.70
C VAL B 199 2.92 27.33 16.64
N TYR B 200 4.05 26.76 17.06
CA TYR B 200 5.12 26.33 16.16
C TYR B 200 5.41 24.83 16.23
N ALA B 201 5.92 24.29 15.14
CA ALA B 201 6.26 22.87 15.05
C ALA B 201 7.76 22.69 14.78
N ASN B 202 8.34 21.69 15.43
CA ASN B 202 9.76 21.36 15.31
C ASN B 202 9.70 19.90 14.97
N ILE B 203 9.96 19.59 13.70
CA ILE B 203 9.84 18.23 13.20
C ILE B 203 11.14 17.65 12.70
N ALA B 204 11.28 16.34 12.79
CA ALA B 204 12.48 15.67 12.29
C ALA B 204 12.13 14.31 11.74
N PRO B 205 12.52 14.04 10.50
CA PRO B 205 12.26 12.76 9.83
C PRO B 205 13.15 11.70 10.46
N THR B 206 12.66 10.48 10.55
CA THR B 206 13.44 9.42 11.18
C THR B 206 13.62 8.25 10.22
N TYR B 207 14.76 7.56 10.32
CA TYR B 207 15.07 6.41 9.48
C TYR B 207 14.83 6.66 8.01
N VAL B 208 15.40 7.75 7.53
CA VAL B 208 15.29 8.14 6.15
C VAL B 208 15.99 7.12 5.24
N HIS B 209 15.25 6.58 4.28
CA HIS B 209 15.78 5.62 3.32
C HIS B 209 15.33 6.02 1.93
N VAL B 210 16.25 5.98 0.98
CA VAL B 210 15.92 6.34 -0.39
C VAL B 210 16.25 5.16 -1.31
N ALA B 211 15.65 5.18 -2.50
CA ALA B 211 15.90 4.14 -3.50
C ALA B 211 15.56 4.67 -4.88
N GLY B 212 16.33 4.26 -5.89
CA GLY B 212 16.05 4.70 -7.24
C GLY B 212 16.59 6.08 -7.54
N GLU B 213 17.90 6.14 -7.80
CA GLU B 213 18.60 7.37 -8.15
C GLU B 213 18.04 7.96 -9.43
N LEU B 214 17.51 9.16 -9.36
CA LEU B 214 16.99 9.83 -10.55
C LEU B 214 18.14 10.53 -11.28
N PRO B 215 17.97 10.81 -12.57
CA PRO B 215 19.03 11.48 -13.32
C PRO B 215 19.12 12.95 -12.97
N SER B 216 20.11 13.58 -13.57
CA SER B 216 20.42 14.98 -13.36
C SER B 216 19.44 15.84 -14.15
N LYS B 217 19.28 17.09 -13.72
CA LYS B 217 18.31 17.91 -14.54
C LYS B 217 19.06 18.73 -15.61
N GLU B 218 20.34 18.74 -15.15
CA GLU B 218 21.52 19.38 -15.73
C GLU B 218 21.40 20.89 -15.62
N GLY C 1 -32.98 -45.87 9.03
CA GLY C 1 -32.97 -44.52 8.40
C GLY C 1 -31.74 -44.37 7.54
N ILE C 2 -31.59 -43.22 6.88
CA ILE C 2 -30.42 -42.97 6.06
C ILE C 2 -29.82 -41.60 6.43
N PHE C 3 -28.66 -41.34 5.87
CA PHE C 3 -27.91 -40.14 6.15
C PHE C 3 -28.58 -38.84 5.64
N PRO C 4 -28.92 -37.92 6.54
CA PRO C 4 -29.54 -36.63 6.21
C PRO C 4 -28.48 -35.78 5.61
N VAL C 5 -28.83 -35.01 4.60
CA VAL C 5 -27.85 -34.19 3.93
C VAL C 5 -28.54 -32.95 3.39
N ALA C 6 -27.90 -31.79 3.52
CA ALA C 6 -28.47 -30.53 3.03
C ALA C 6 -27.79 -30.12 1.73
N CYS C 7 -28.53 -30.09 0.62
CA CYS C 7 -27.93 -29.70 -0.66
C CYS C 7 -27.87 -28.16 -0.70
N ALA C 8 -26.71 -27.59 -0.43
CA ALA C 8 -26.53 -26.13 -0.36
C ALA C 8 -26.65 -25.29 -1.61
N ASP C 9 -27.50 -24.25 -1.53
CA ASP C 9 -27.69 -23.31 -2.62
C ASP C 9 -26.38 -22.57 -2.81
N GLY C 10 -26.03 -22.26 -4.05
CA GLY C 10 -24.81 -21.52 -4.31
C GLY C 10 -23.65 -22.39 -4.72
N TYR C 11 -23.73 -23.69 -4.45
CA TYR C 11 -22.65 -24.61 -4.78
C TYR C 11 -22.98 -25.64 -5.85
N GLY C 12 -21.95 -26.12 -6.52
CA GLY C 12 -22.18 -27.17 -7.50
C GLY C 12 -22.06 -26.75 -8.93
N GLY C 13 -22.10 -25.46 -9.21
CA GLY C 13 -21.98 -25.03 -10.58
C GLY C 13 -20.61 -25.37 -11.14
N LEU C 14 -20.52 -25.49 -12.45
CA LEU C 14 -19.22 -25.78 -13.03
C LEU C 14 -18.42 -24.49 -13.07
N VAL C 15 -17.13 -24.57 -12.78
CA VAL C 15 -16.28 -23.40 -12.86
C VAL C 15 -15.05 -23.84 -13.63
N THR C 16 -14.81 -23.20 -14.76
CA THR C 16 -13.72 -23.50 -15.68
C THR C 16 -12.32 -23.73 -15.15
N THR C 17 -12.05 -23.25 -13.93
CA THR C 17 -10.74 -23.40 -13.30
C THR C 17 -10.86 -24.13 -11.98
N ASP C 18 -11.93 -24.90 -11.80
CA ASP C 18 -12.13 -25.57 -10.52
C ASP C 18 -11.10 -26.61 -10.21
N PRO C 19 -10.95 -26.94 -8.92
CA PRO C 19 -9.97 -27.94 -8.50
C PRO C 19 -10.49 -29.38 -8.33
N LYS C 20 -11.45 -29.79 -9.15
CA LYS C 20 -11.98 -31.15 -9.04
C LYS C 20 -11.61 -31.95 -10.27
N THR C 21 -12.14 -33.17 -10.33
CA THR C 21 -11.91 -34.04 -11.46
C THR C 21 -13.21 -34.74 -11.85
N ALA C 22 -13.37 -34.99 -13.14
CA ALA C 22 -14.56 -35.67 -13.64
C ALA C 22 -14.59 -37.15 -13.25
N ASP C 23 -15.74 -37.78 -13.45
CA ASP C 23 -15.87 -39.20 -13.18
C ASP C 23 -15.40 -39.88 -14.47
N PRO C 24 -14.60 -40.95 -14.35
CA PRO C 24 -14.09 -41.67 -15.52
C PRO C 24 -15.07 -42.67 -16.11
N VAL C 25 -14.82 -43.06 -17.35
CA VAL C 25 -15.73 -43.97 -18.01
C VAL C 25 -15.04 -45.05 -18.84
N TYR C 26 -13.80 -44.83 -19.24
CA TYR C 26 -13.09 -45.79 -20.08
C TYR C 26 -11.79 -46.19 -19.40
N GLY C 27 -11.86 -47.19 -18.53
CA GLY C 27 -10.67 -47.59 -17.79
C GLY C 27 -9.67 -48.59 -18.34
N LYS C 28 -8.53 -48.63 -17.66
CA LYS C 28 -7.41 -49.53 -17.94
C LYS C 28 -6.62 -49.29 -19.21
N VAL C 29 -6.28 -48.04 -19.52
CA VAL C 29 -5.48 -47.85 -20.73
C VAL C 29 -4.04 -47.55 -20.35
N TYR C 30 -3.14 -48.35 -20.92
CA TYR C 30 -1.72 -48.19 -20.62
C TYR C 30 -1.07 -47.54 -21.81
N ASN C 31 -0.51 -46.36 -21.58
CA ASN C 31 0.14 -45.59 -22.61
C ASN C 31 1.46 -46.14 -23.10
N PRO C 32 1.84 -45.78 -24.33
CA PRO C 32 3.12 -46.24 -24.88
C PRO C 32 4.13 -45.47 -24.03
N PRO C 33 5.28 -46.08 -23.74
CA PRO C 33 6.30 -45.43 -22.92
C PRO C 33 6.90 -44.18 -23.55
N LYS C 34 7.00 -43.12 -22.76
CA LYS C 34 7.58 -41.86 -23.23
C LYS C 34 8.75 -41.51 -22.30
N THR C 35 9.38 -42.54 -21.76
CA THR C 35 10.51 -42.38 -20.83
C THR C 35 11.62 -41.59 -21.48
N ASN C 36 12.15 -40.63 -20.75
CA ASN C 36 13.27 -39.83 -21.24
C ASN C 36 13.11 -39.10 -22.57
N TYR C 37 11.90 -38.64 -22.90
CA TYR C 37 11.73 -37.91 -24.15
C TYR C 37 12.48 -36.58 -24.00
N PRO C 38 13.24 -36.19 -25.02
CA PRO C 38 13.98 -34.94 -24.91
C PRO C 38 13.23 -33.62 -24.88
N GLY C 39 13.95 -32.58 -24.49
CA GLY C 39 13.46 -31.21 -24.44
C GLY C 39 12.27 -30.86 -23.57
N ARG C 40 12.09 -31.54 -22.46
CA ARG C 40 10.94 -31.22 -21.63
C ARG C 40 11.17 -29.96 -20.82
N PHE C 41 10.09 -29.25 -20.52
CA PHE C 41 10.16 -28.05 -19.67
C PHE C 41 8.95 -28.07 -18.75
N THR C 42 9.17 -27.78 -17.47
CA THR C 42 8.09 -27.82 -16.51
C THR C 42 7.63 -26.47 -15.97
N ASN C 43 8.46 -25.44 -16.15
CA ASN C 43 8.07 -24.10 -15.74
C ASN C 43 8.50 -23.13 -16.83
N LEU C 44 7.55 -22.34 -17.31
CA LEU C 44 7.80 -21.36 -18.36
C LEU C 44 9.05 -20.53 -18.12
N LEU C 45 9.21 -20.06 -16.90
CA LEU C 45 10.35 -19.23 -16.55
C LEU C 45 11.69 -19.91 -16.68
N ASP C 46 11.73 -21.24 -16.63
CA ASP C 46 12.99 -21.93 -16.79
C ASP C 46 13.42 -21.65 -18.21
N VAL C 47 12.48 -21.74 -19.18
CA VAL C 47 12.93 -21.44 -20.52
C VAL C 47 13.12 -19.94 -20.69
N ALA C 48 12.22 -19.15 -20.10
CA ALA C 48 12.34 -17.70 -20.19
C ALA C 48 13.71 -17.22 -19.71
N GLU C 49 14.35 -17.98 -18.83
CA GLU C 49 15.67 -17.64 -18.33
C GLU C 49 16.76 -18.14 -19.26
N ALA C 50 16.65 -19.39 -19.67
CA ALA C 50 17.69 -19.97 -20.50
C ALA C 50 17.78 -19.51 -21.93
N CYS C 51 16.65 -19.11 -22.51
CA CYS C 51 16.59 -18.70 -23.89
C CYS C 51 16.29 -17.24 -24.08
N PRO C 52 17.32 -16.41 -24.19
CA PRO C 52 16.91 -15.02 -24.39
C PRO C 52 16.46 -14.75 -25.84
N THR C 53 15.52 -13.82 -26.00
CA THR C 53 15.00 -13.46 -27.32
C THR C 53 15.17 -11.97 -27.57
N PHE C 54 15.01 -11.54 -28.83
CA PHE C 54 15.27 -10.16 -29.22
C PHE C 54 14.30 -9.03 -29.11
N LEU C 55 14.83 -7.85 -28.82
CA LEU C 55 14.00 -6.67 -28.74
C LEU C 55 13.82 -6.15 -30.16
N ARG C 56 12.83 -5.28 -30.34
CA ARG C 56 12.55 -4.73 -31.64
C ARG C 56 12.88 -3.25 -31.68
N PHE C 57 13.72 -2.86 -32.62
CA PHE C 57 14.09 -1.47 -32.73
C PHE C 57 13.76 -0.91 -34.10
N ASP C 58 13.74 0.41 -34.18
CA ASP C 58 13.55 1.12 -35.45
C ASP C 58 12.56 0.50 -36.46
N ASP C 59 13.03 0.28 -37.69
CA ASP C 59 12.27 -0.32 -38.78
C ASP C 59 11.58 -1.56 -38.30
N GLY C 60 12.32 -2.30 -37.49
CA GLY C 60 11.90 -3.58 -36.96
C GLY C 60 13.13 -4.46 -37.15
N LYS C 61 14.19 -4.11 -36.43
CA LYS C 61 15.45 -4.85 -36.48
C LYS C 61 15.74 -5.24 -35.02
N PRO C 62 16.46 -6.37 -34.81
CA PRO C 62 16.79 -6.80 -33.45
C PRO C 62 18.08 -6.15 -32.96
N TYR C 63 18.41 -4.98 -33.50
CA TYR C 63 19.66 -4.33 -33.11
C TYR C 63 19.63 -2.85 -33.22
N VAL C 64 20.72 -2.28 -32.75
CA VAL C 64 20.86 -0.85 -32.74
C VAL C 64 22.13 -0.54 -33.53
N VAL C 65 22.09 0.55 -34.28
CA VAL C 65 23.24 0.91 -35.10
C VAL C 65 24.02 2.09 -34.55
N THR C 66 25.34 2.02 -34.62
CA THR C 66 26.14 3.12 -34.08
C THR C 66 25.97 4.40 -34.88
N ARG C 67 25.59 5.45 -34.16
CA ARG C 67 25.36 6.75 -34.77
C ARG C 67 26.67 7.35 -35.26
N ALA C 68 26.66 7.88 -36.48
CA ALA C 68 27.86 8.52 -37.01
C ALA C 68 27.80 10.01 -36.64
N ASP C 69 26.59 10.50 -36.36
CA ASP C 69 26.38 11.89 -35.99
C ASP C 69 26.65 12.15 -34.51
N ASP C 70 26.36 13.37 -34.07
CA ASP C 70 26.62 13.77 -32.70
C ASP C 70 25.60 13.33 -31.65
N THR C 71 24.63 12.50 -32.01
CA THR C 71 23.68 12.02 -31.01
C THR C 71 24.25 10.76 -30.35
N ARG C 72 24.14 10.70 -29.03
CA ARG C 72 24.67 9.57 -28.28
C ARG C 72 23.62 8.60 -27.71
N LEU C 73 22.36 8.99 -27.76
CA LEU C 73 21.30 8.11 -27.27
C LEU C 73 20.97 7.12 -28.39
N LEU C 74 21.44 5.91 -28.22
CA LEU C 74 21.22 4.85 -29.18
C LEU C 74 19.79 4.37 -29.17
N ALA C 75 19.23 4.22 -27.99
CA ALA C 75 17.86 3.72 -27.89
C ALA C 75 17.31 3.98 -26.51
N LYS C 76 15.99 4.01 -26.42
CA LYS C 76 15.32 4.23 -25.16
C LYS C 76 14.00 3.52 -25.21
N PHE C 77 13.61 2.90 -24.11
CA PHE C 77 12.34 2.23 -24.06
C PHE C 77 11.76 2.08 -22.66
N ASP C 78 10.44 1.92 -22.62
CA ASP C 78 9.70 1.77 -21.39
C ASP C 78 10.02 0.45 -20.72
N VAL C 79 10.17 0.46 -19.41
CA VAL C 79 10.42 -0.79 -18.69
C VAL C 79 9.02 -1.37 -18.50
N SER C 80 8.53 -2.05 -19.52
CA SER C 80 7.20 -2.64 -19.45
C SER C 80 7.14 -3.84 -20.35
N LEU C 81 6.56 -4.94 -19.86
CA LEU C 81 6.45 -6.13 -20.71
C LEU C 81 5.56 -5.84 -21.92
N ALA C 82 4.84 -4.71 -21.86
CA ALA C 82 3.96 -4.28 -22.94
C ALA C 82 4.64 -3.26 -23.84
N ALA C 83 5.92 -3.02 -23.57
CA ALA C 83 6.71 -2.09 -24.37
C ALA C 83 6.68 -2.57 -25.82
N LYS C 84 6.82 -1.63 -26.73
CA LYS C 84 6.81 -1.92 -28.17
C LYS C 84 8.04 -2.76 -28.46
N HIS C 85 9.17 -2.31 -27.93
CA HIS C 85 10.45 -3.00 -28.14
C HIS C 85 10.49 -4.41 -27.60
N MET C 86 9.68 -4.66 -26.57
CA MET C 86 9.64 -5.99 -25.97
C MET C 86 8.58 -6.87 -26.63
N SER C 87 7.78 -6.30 -27.53
CA SER C 87 6.69 -7.02 -28.18
C SER C 87 7.03 -8.32 -28.91
N ASN C 88 8.28 -8.53 -29.29
CA ASN C 88 8.57 -9.79 -29.97
C ASN C 88 9.26 -10.84 -29.13
N THR C 89 9.55 -10.50 -27.88
CA THR C 89 10.24 -11.40 -27.00
C THR C 89 9.32 -12.45 -26.43
N TYR C 90 9.89 -13.60 -26.15
CA TYR C 90 9.18 -14.70 -25.54
C TYR C 90 8.73 -14.25 -24.15
N LEU C 91 9.54 -13.42 -23.51
CA LEU C 91 9.20 -12.96 -22.17
C LEU C 91 7.84 -12.28 -22.18
N SER C 92 7.63 -11.38 -23.14
CA SER C 92 6.35 -10.69 -23.21
C SER C 92 5.27 -11.66 -23.65
N GLY C 93 5.67 -12.62 -24.47
CA GLY C 93 4.72 -13.61 -24.95
C GLY C 93 4.07 -14.31 -23.78
N ILE C 94 4.88 -14.64 -22.78
CA ILE C 94 4.36 -15.28 -21.59
C ILE C 94 3.60 -14.28 -20.71
N ALA C 95 4.28 -13.18 -20.41
CA ALA C 95 3.75 -12.15 -19.54
C ALA C 95 2.31 -11.75 -19.84
N GLN C 96 1.90 -11.74 -21.10
CA GLN C 96 0.53 -11.34 -21.39
C GLN C 96 -0.52 -12.17 -20.66
N TYR C 97 -0.15 -13.38 -20.24
CA TYR C 97 -1.07 -14.27 -19.55
C TYR C 97 -1.06 -14.15 -18.03
N TYR C 98 -0.45 -13.08 -17.54
CA TYR C 98 -0.41 -12.90 -16.12
C TYR C 98 -0.68 -11.45 -15.86
N THR C 99 -1.24 -11.17 -14.71
CA THR C 99 -1.61 -9.84 -14.35
C THR C 99 -0.50 -9.02 -13.73
N GLN C 100 0.28 -9.67 -12.89
CA GLN C 100 1.33 -8.98 -12.19
C GLN C 100 2.66 -9.70 -12.23
N TYR C 101 3.71 -8.96 -11.90
CA TYR C 101 5.03 -9.53 -11.88
C TYR C 101 5.91 -8.74 -10.91
N SER C 102 7.13 -9.23 -10.73
CA SER C 102 8.18 -8.57 -9.95
C SER C 102 9.45 -9.31 -10.25
N GLY C 103 10.59 -8.67 -10.03
CA GLY C 103 11.81 -9.39 -10.31
C GLY C 103 12.70 -8.70 -11.29
N THR C 104 13.80 -9.36 -11.54
CA THR C 104 14.81 -8.84 -12.42
C THR C 104 14.59 -9.27 -13.86
N ILE C 105 14.76 -8.34 -14.78
CA ILE C 105 14.69 -8.65 -16.21
C ILE C 105 16.11 -8.38 -16.66
N ASN C 106 16.71 -9.30 -17.39
CA ASN C 106 18.08 -9.13 -17.87
C ASN C 106 18.12 -8.79 -19.33
N LEU C 107 19.02 -7.87 -19.65
CA LEU C 107 19.23 -7.41 -21.02
C LEU C 107 20.59 -7.91 -21.47
N HIS C 108 20.71 -8.24 -22.74
CA HIS C 108 21.97 -8.71 -23.27
C HIS C 108 22.32 -7.91 -24.49
N PHE C 109 23.54 -7.41 -24.53
CA PHE C 109 24.04 -6.63 -25.64
C PHE C 109 25.18 -7.41 -26.28
N MET C 110 25.09 -7.65 -27.58
CA MET C 110 26.13 -8.39 -28.29
C MET C 110 26.58 -7.63 -29.52
N PHE C 111 27.82 -7.17 -29.48
CA PHE C 111 28.44 -6.39 -30.54
C PHE C 111 28.76 -7.28 -31.72
N THR C 112 28.37 -6.78 -32.87
CA THR C 112 28.49 -7.46 -34.14
C THR C 112 29.60 -6.93 -35.04
N GLY C 113 30.23 -5.86 -34.59
CA GLY C 113 31.26 -5.24 -35.37
C GLY C 113 32.45 -6.07 -35.81
N SER C 114 33.22 -5.44 -36.67
CA SER C 114 34.44 -6.00 -37.21
C SER C 114 35.52 -5.94 -36.12
N THR C 115 36.59 -6.70 -36.31
CA THR C 115 37.71 -6.70 -35.35
C THR C 115 38.30 -5.31 -35.17
N ASP C 116 38.19 -4.49 -36.20
CA ASP C 116 38.75 -3.14 -36.13
C ASP C 116 37.71 -2.07 -35.81
N SER C 117 36.52 -2.50 -35.38
CA SER C 117 35.48 -1.56 -35.00
C SER C 117 35.52 -1.59 -33.49
N LYS C 118 35.61 -0.43 -32.88
CA LYS C 118 35.69 -0.37 -31.45
C LYS C 118 34.66 0.58 -30.88
N ALA C 119 34.14 0.30 -29.67
CA ALA C 119 33.14 1.20 -29.08
C ALA C 119 33.04 1.08 -27.57
N ARG C 120 32.34 2.03 -26.96
CA ARG C 120 32.14 2.01 -25.53
C ARG C 120 30.68 2.41 -25.33
N TYR C 121 29.93 1.57 -24.64
CA TYR C 121 28.51 1.83 -24.43
C TYR C 121 28.16 2.04 -22.97
N MET C 122 26.92 2.40 -22.72
CA MET C 122 26.45 2.62 -21.37
C MET C 122 24.96 2.36 -21.35
N VAL C 123 24.50 1.62 -20.35
CA VAL C 123 23.08 1.35 -20.20
C VAL C 123 22.74 1.90 -18.82
N ALA C 124 21.54 2.47 -18.69
CA ALA C 124 21.12 3.06 -17.43
C ALA C 124 19.65 2.83 -17.20
N TYR C 125 19.25 2.68 -15.95
CA TYR C 125 17.87 2.46 -15.62
C TYR C 125 17.40 3.77 -15.04
N ILE C 126 16.46 4.40 -15.73
CA ILE C 126 15.92 5.67 -15.24
C ILE C 126 14.62 5.35 -14.52
N PRO C 127 14.64 5.40 -13.19
CA PRO C 127 13.42 5.10 -12.43
C PRO C 127 12.40 6.18 -12.70
N PRO C 128 11.18 5.90 -12.33
CA PRO C 128 10.13 6.89 -12.57
C PRO C 128 10.27 8.10 -11.65
N GLY C 129 9.70 9.23 -12.05
CA GLY C 129 9.79 10.41 -11.22
C GLY C 129 10.27 11.61 -12.01
N VAL C 130 10.90 11.33 -13.13
CA VAL C 130 11.39 12.38 -13.99
C VAL C 130 10.38 12.47 -15.14
N GLU C 131 10.31 13.62 -15.78
CA GLU C 131 9.37 13.85 -16.87
C GLU C 131 9.77 13.19 -18.17
N THR C 132 11.05 13.20 -18.48
CA THR C 132 11.53 12.61 -19.72
C THR C 132 12.93 12.11 -19.53
N PRO C 133 13.23 10.97 -20.16
CA PRO C 133 14.53 10.33 -20.09
C PRO C 133 15.59 11.29 -20.61
N PRO C 134 16.76 11.31 -19.99
CA PRO C 134 17.87 12.18 -20.41
C PRO C 134 18.49 11.69 -21.70
N ASP C 135 18.80 12.59 -22.64
CA ASP C 135 19.41 12.13 -23.89
C ASP C 135 20.91 12.22 -23.79
N THR C 136 21.41 12.42 -22.59
CA THR C 136 22.83 12.56 -22.42
C THR C 136 23.42 11.61 -21.40
N PRO C 137 24.55 10.97 -21.73
CA PRO C 137 25.18 10.03 -20.78
C PRO C 137 25.52 10.77 -19.50
N GLU C 138 25.89 12.04 -19.64
CA GLU C 138 26.25 12.85 -18.48
C GLU C 138 25.12 12.97 -17.46
N GLU C 139 23.90 13.13 -17.95
CA GLU C 139 22.74 13.28 -17.09
C GLU C 139 22.35 11.93 -16.56
N ALA C 140 22.38 10.92 -17.42
CA ALA C 140 22.00 9.56 -17.02
C ALA C 140 22.98 8.96 -16.03
N ALA C 141 24.20 9.45 -16.03
CA ALA C 141 25.25 8.91 -15.16
C ALA C 141 24.86 8.85 -13.71
N HIS C 142 23.97 9.73 -13.31
CA HIS C 142 23.50 9.78 -11.94
C HIS C 142 22.55 8.64 -11.57
N CYS C 143 22.18 7.83 -12.54
CA CYS C 143 21.30 6.70 -12.27
C CYS C 143 22.14 5.44 -12.14
N ILE C 144 21.45 4.35 -11.81
CA ILE C 144 22.10 3.04 -11.74
C ILE C 144 22.51 2.80 -13.18
N HIS C 145 23.79 2.60 -13.45
CA HIS C 145 24.21 2.41 -14.83
C HIS C 145 25.49 1.62 -14.92
N ALA C 146 25.80 1.17 -16.11
CA ALA C 146 27.00 0.41 -16.36
C ALA C 146 27.51 0.76 -17.74
N GLU C 147 28.83 0.79 -17.87
CA GLU C 147 29.52 1.08 -19.11
C GLU C 147 30.38 -0.12 -19.40
N TRP C 148 30.65 -0.39 -20.67
CA TRP C 148 31.51 -1.51 -21.04
C TRP C 148 32.04 -1.24 -22.44
N ASP C 149 33.20 -1.79 -22.78
CA ASP C 149 33.76 -1.59 -24.11
C ASP C 149 33.84 -2.87 -24.90
N THR C 150 34.12 -2.68 -26.18
CA THR C 150 34.26 -3.72 -27.16
C THR C 150 35.57 -4.47 -26.99
N GLY C 151 35.55 -5.77 -27.18
CA GLY C 151 36.78 -6.50 -27.03
C GLY C 151 36.59 -7.94 -27.38
N LEU C 152 37.42 -8.78 -26.79
CA LEU C 152 37.38 -10.20 -27.01
C LEU C 152 36.00 -10.78 -26.78
N ASN C 153 35.35 -10.32 -25.70
CA ASN C 153 34.01 -10.78 -25.37
C ASN C 153 32.95 -9.90 -26.00
N SER C 154 32.11 -10.51 -26.82
CA SER C 154 31.05 -9.82 -27.53
C SER C 154 29.80 -9.48 -26.73
N LYS C 155 29.45 -10.32 -25.77
CA LYS C 155 28.23 -10.11 -24.99
C LYS C 155 28.45 -9.40 -23.66
N PHE C 156 27.50 -8.55 -23.28
CA PHE C 156 27.53 -7.86 -21.99
C PHE C 156 26.10 -7.93 -21.48
N THR C 157 25.94 -8.42 -20.26
CA THR C 157 24.62 -8.57 -19.69
C THR C 157 24.44 -7.63 -18.53
N PHE C 158 23.22 -7.10 -18.40
CA PHE C 158 22.88 -6.12 -17.38
C PHE C 158 21.49 -6.44 -16.82
N SER C 159 21.31 -6.28 -15.52
CA SER C 159 20.02 -6.60 -14.91
C SER C 159 19.26 -5.33 -14.63
N ILE C 160 18.01 -5.29 -15.06
CA ILE C 160 17.15 -4.15 -14.78
C ILE C 160 16.51 -4.50 -13.46
N PRO C 161 16.79 -3.72 -12.42
CA PRO C 161 16.27 -3.94 -11.07
C PRO C 161 14.78 -3.68 -10.92
N TYR C 162 14.17 -4.34 -9.95
CA TYR C 162 12.77 -4.10 -9.72
C TYR C 162 12.75 -3.13 -8.56
N VAL C 163 12.34 -1.89 -8.85
CA VAL C 163 12.26 -0.84 -7.84
C VAL C 163 10.92 -0.14 -8.02
N SER C 164 10.01 -0.34 -7.07
CA SER C 164 8.70 0.24 -7.19
C SER C 164 8.10 0.38 -5.80
N ALA C 165 6.98 1.07 -5.65
CA ALA C 165 6.37 1.21 -4.33
C ALA C 165 5.69 -0.09 -3.90
N ALA C 166 4.89 -0.64 -4.79
CA ALA C 166 4.21 -1.88 -4.50
C ALA C 166 5.16 -3.02 -4.75
N ASP C 167 4.83 -4.16 -4.16
CA ASP C 167 5.64 -5.35 -4.27
C ASP C 167 5.50 -6.00 -5.62
N TYR C 168 4.40 -5.71 -6.30
CA TYR C 168 4.14 -6.26 -7.63
C TYR C 168 3.76 -5.15 -8.57
N ALA C 169 3.78 -5.50 -9.84
CA ALA C 169 3.39 -4.54 -10.87
C ALA C 169 2.60 -5.21 -11.99
N TYR C 170 1.84 -4.36 -12.64
CA TYR C 170 1.03 -4.84 -13.72
C TYR C 170 1.86 -5.10 -14.95
N THR C 171 1.54 -6.18 -15.62
CA THR C 171 2.24 -6.51 -16.83
C THR C 171 1.63 -5.68 -17.96
N ALA C 172 0.39 -5.24 -17.79
CA ALA C 172 -0.29 -4.45 -18.80
C ALA C 172 -0.21 -2.97 -18.53
N SER C 173 -0.55 -2.17 -19.51
CA SER C 173 -0.50 -0.74 -19.33
C SER C 173 -1.88 -0.12 -19.56
N ASP C 174 -2.35 0.69 -18.61
CA ASP C 174 -3.65 1.32 -18.75
C ASP C 174 -3.51 2.47 -19.69
N THR C 175 -4.62 2.80 -20.37
CA THR C 175 -4.63 3.87 -21.35
C THR C 175 -4.44 5.27 -20.74
N ALA C 176 -4.75 5.39 -19.46
CA ALA C 176 -4.59 6.65 -18.75
C ALA C 176 -3.13 6.88 -18.40
N GLU C 177 -2.34 5.81 -18.42
CA GLU C 177 -0.92 5.86 -18.11
C GLU C 177 -0.18 6.76 -19.11
N THR C 178 0.27 7.93 -18.65
CA THR C 178 1.01 8.86 -19.52
C THR C 178 2.46 8.40 -19.67
N THR C 179 3.22 8.58 -18.60
CA THR C 179 4.63 8.20 -18.51
C THR C 179 4.63 6.75 -18.03
N ASN C 180 5.55 5.93 -18.53
CA ASN C 180 5.58 4.53 -18.09
C ASN C 180 5.72 4.45 -16.58
N VAL C 181 4.84 3.69 -15.96
CA VAL C 181 4.86 3.54 -14.52
C VAL C 181 6.16 3.02 -13.92
N GLN C 182 6.90 2.15 -14.61
CA GLN C 182 8.16 1.63 -14.05
C GLN C 182 9.46 2.24 -14.60
N GLY C 183 9.37 3.37 -15.30
CA GLY C 183 10.58 4.01 -15.80
C GLY C 183 11.07 3.55 -17.15
N TRP C 184 12.29 3.98 -17.51
CA TRP C 184 12.86 3.63 -18.80
C TRP C 184 14.26 3.06 -18.70
N VAL C 185 14.71 2.55 -19.84
CA VAL C 185 16.06 2.04 -19.96
C VAL C 185 16.62 2.85 -21.12
N CYS C 186 17.83 3.36 -20.97
CA CYS C 186 18.44 4.13 -22.03
C CYS C 186 19.79 3.52 -22.34
N VAL C 187 20.06 3.36 -23.64
CA VAL C 187 21.32 2.81 -24.06
C VAL C 187 22.03 3.93 -24.77
N TYR C 188 23.24 4.24 -24.34
CA TYR C 188 24.02 5.30 -24.95
C TYR C 188 25.26 4.74 -25.57
N GLN C 189 25.88 5.57 -26.39
CA GLN C 189 27.11 5.23 -27.07
C GLN C 189 28.05 6.33 -26.65
N ILE C 190 28.99 6.03 -25.77
CA ILE C 190 29.95 7.02 -25.30
C ILE C 190 30.81 7.48 -26.47
N THR C 191 31.37 6.52 -27.20
CA THR C 191 32.22 6.80 -28.37
C THR C 191 32.37 5.55 -29.17
N HIS C 192 33.09 5.68 -30.27
CA HIS C 192 33.35 4.54 -31.12
C HIS C 192 34.48 5.01 -32.01
N GLY C 193 35.21 4.05 -32.57
CA GLY C 193 36.30 4.36 -33.47
C GLY C 193 36.05 3.45 -34.65
N LYS C 194 35.81 4.05 -35.83
CA LYS C 194 35.55 3.29 -37.05
C LYS C 194 34.45 2.27 -36.89
N ALA C 195 33.49 2.59 -36.03
CA ALA C 195 32.39 1.65 -35.80
C ALA C 195 31.11 2.03 -36.50
N GLU C 196 31.20 2.96 -37.47
CA GLU C 196 30.02 3.40 -38.21
C GLU C 196 29.36 2.22 -38.87
N ASN C 197 28.04 2.20 -38.83
CA ASN C 197 27.28 1.12 -39.45
C ASN C 197 27.36 -0.21 -38.77
N ASP C 198 28.10 -0.33 -37.69
CA ASP C 198 28.17 -1.60 -37.01
C ASP C 198 27.00 -1.72 -36.03
N THR C 199 26.65 -2.96 -35.75
CA THR C 199 25.50 -3.28 -34.95
C THR C 199 25.64 -3.80 -33.52
N LEU C 200 24.61 -3.56 -32.72
CA LEU C 200 24.56 -4.02 -31.33
C LEU C 200 23.26 -4.78 -31.12
N LEU C 201 23.33 -6.10 -31.07
CA LEU C 201 22.15 -6.92 -30.87
C LEU C 201 21.72 -6.91 -29.40
N VAL C 202 20.45 -6.63 -29.12
CA VAL C 202 20.02 -6.67 -27.74
C VAL C 202 18.84 -7.60 -27.53
N SER C 203 18.94 -8.43 -26.50
CA SER C 203 17.90 -9.41 -26.22
C SER C 203 17.57 -9.35 -24.75
N ALA C 204 16.53 -10.05 -24.35
CA ALA C 204 16.14 -10.02 -22.96
C ALA C 204 15.75 -11.39 -22.45
N SER C 205 15.97 -11.59 -21.15
CA SER C 205 15.60 -12.84 -20.48
C SER C 205 15.21 -12.59 -19.03
N ALA C 206 14.55 -13.57 -18.43
CA ALA C 206 14.12 -13.48 -17.06
C ALA C 206 15.33 -13.61 -16.13
N GLY C 207 15.27 -12.93 -14.99
CA GLY C 207 16.36 -12.99 -14.03
C GLY C 207 16.06 -14.04 -12.98
N LYS C 208 17.01 -14.28 -12.06
CA LYS C 208 16.82 -15.29 -11.02
C LYS C 208 15.57 -15.11 -10.17
N ASP C 209 15.15 -13.88 -9.90
CA ASP C 209 13.97 -13.70 -9.08
C ASP C 209 12.75 -13.17 -9.83
N PHE C 210 12.75 -13.33 -11.15
CA PHE C 210 11.62 -12.87 -11.95
C PHE C 210 10.42 -13.74 -11.58
N GLU C 211 9.25 -13.13 -11.44
CA GLU C 211 8.08 -13.89 -11.06
C GLU C 211 6.82 -13.35 -11.69
N LEU C 212 5.94 -14.24 -12.13
CA LEU C 212 4.65 -13.84 -12.72
C LEU C 212 3.55 -14.48 -11.87
N ARG C 213 2.51 -13.73 -11.56
CA ARG C 213 1.38 -14.26 -10.78
C ARG C 213 0.05 -13.83 -11.35
N LEU C 214 -0.98 -14.62 -11.04
CA LEU C 214 -2.34 -14.35 -11.47
C LEU C 214 -2.55 -14.57 -12.96
N PRO C 215 -2.84 -15.82 -13.35
CA PRO C 215 -3.07 -16.18 -14.75
C PRO C 215 -4.25 -15.39 -15.29
N ILE C 216 -4.19 -15.09 -16.58
CA ILE C 216 -5.24 -14.30 -17.21
C ILE C 216 -5.32 -14.67 -18.69
N ASP C 217 -6.53 -14.67 -19.22
CA ASP C 217 -6.77 -15.00 -20.62
C ASP C 217 -7.36 -13.68 -21.15
N PRO C 218 -6.50 -12.81 -21.69
CA PRO C 218 -6.96 -11.50 -22.18
C PRO C 218 -7.10 -11.26 -23.67
N ARG C 219 -6.56 -12.12 -24.50
CA ARG C 219 -6.65 -11.86 -25.91
C ARG C 219 -8.04 -12.04 -26.48
N THR C 220 -8.34 -11.25 -27.52
CA THR C 220 -9.61 -11.30 -28.24
C THR C 220 -9.77 -12.60 -29.01
N GLN C 221 -10.87 -13.30 -28.73
CA GLN C 221 -11.16 -14.57 -29.37
C GLN C 221 -12.62 -14.57 -29.83
N SER D 15 -10.38 -18.28 14.25
CA SER D 15 -11.23 -17.86 13.11
C SER D 15 -12.34 -17.01 13.70
N GLY D 16 -13.20 -16.47 12.86
CA GLY D 16 -14.31 -15.68 13.35
C GLY D 16 -15.45 -16.10 12.49
N ASN D 17 -16.62 -16.32 13.08
CA ASN D 17 -17.80 -16.76 12.32
C ASN D 17 -17.64 -17.85 11.28
N THR D 18 -17.16 -19.01 11.76
CA THR D 18 -16.97 -20.22 10.99
C THR D 18 -17.09 -21.24 12.11
N GLY D 19 -17.92 -22.26 11.94
CA GLY D 19 -18.10 -23.24 13.00
C GLY D 19 -18.29 -24.66 12.48
N SER D 20 -17.48 -25.04 11.51
CA SER D 20 -17.59 -26.36 10.93
C SER D 20 -16.66 -27.24 11.71
N ILE D 21 -17.20 -28.33 12.24
CA ILE D 21 -16.42 -29.29 13.00
C ILE D 21 -15.49 -30.04 12.03
N ILE D 22 -16.05 -30.49 10.91
CA ILE D 22 -15.29 -31.22 9.91
C ILE D 22 -14.30 -30.36 9.14
N ASN D 23 -13.14 -31.00 8.93
CA ASN D 23 -12.00 -30.44 8.23
C ASN D 23 -12.43 -30.05 6.80
N ASN D 24 -11.79 -29.03 6.23
CA ASN D 24 -12.15 -28.58 4.89
C ASN D 24 -11.80 -29.59 3.79
N TYR D 25 -12.65 -29.67 2.77
CA TYR D 25 -12.45 -30.59 1.66
C TYR D 25 -11.39 -30.15 0.66
N TYR D 26 -11.17 -28.85 0.53
CA TYR D 26 -10.19 -28.33 -0.41
C TYR D 26 -8.92 -27.96 0.35
N MET D 27 -7.78 -28.07 -0.30
CA MET D 27 -6.53 -27.72 0.35
C MET D 27 -6.49 -26.25 0.71
N GLN D 28 -5.72 -25.95 1.74
CA GLN D 28 -5.61 -24.59 2.22
C GLN D 28 -5.13 -23.61 1.19
N GLN D 29 -4.22 -24.04 0.33
CA GLN D 29 -3.69 -23.15 -0.69
C GLN D 29 -4.69 -22.79 -1.78
N TYR D 30 -5.89 -23.37 -1.72
CA TYR D 30 -6.98 -23.05 -2.66
C TYR D 30 -8.08 -22.32 -1.93
N GLN D 31 -8.33 -22.72 -0.70
CA GLN D 31 -9.38 -22.06 0.05
C GLN D 31 -9.04 -20.62 0.34
N ASN D 32 -7.79 -20.36 0.67
CA ASN D 32 -7.36 -19.02 1.00
C ASN D 32 -6.09 -18.64 0.30
N SER D 33 -5.72 -17.36 0.41
CA SER D 33 -4.48 -16.91 -0.17
C SER D 33 -3.42 -17.28 0.89
N MET D 34 -2.20 -17.56 0.48
CA MET D 34 -1.16 -17.90 1.45
C MET D 34 -0.46 -16.62 1.88
N SER D 35 -0.46 -16.32 3.16
CA SER D 35 0.22 -15.13 3.67
C SER D 35 1.75 -15.46 3.68
N THR D 36 2.61 -14.47 3.42
CA THR D 36 4.06 -14.74 3.46
C THR D 36 4.67 -13.77 4.48
N GLN D 37 5.93 -14.03 4.85
CA GLN D 37 6.61 -13.19 5.83
C GLN D 37 7.98 -12.80 5.37
N LEU D 38 8.51 -11.76 5.99
CA LEU D 38 9.88 -11.35 5.75
C LEU D 38 10.30 -10.97 7.16
N GLY D 39 11.15 -11.81 7.76
CA GLY D 39 11.59 -11.58 9.12
C GLY D 39 13.04 -11.13 9.22
N THR D 62 0.82 -14.84 12.14
CA THR D 62 0.31 -13.81 13.09
C THR D 62 1.25 -13.81 14.32
N GLN D 63 1.40 -12.64 14.96
CA GLN D 63 2.23 -12.47 16.17
C GLN D 63 1.41 -11.60 17.15
N ASN D 64 1.94 -11.33 18.34
CA ASN D 64 1.21 -10.47 19.29
C ASN D 64 1.42 -8.99 18.94
N ASN D 65 1.24 -8.67 17.65
CA ASN D 65 1.34 -7.30 17.18
C ASN D 65 -0.12 -6.86 17.28
N ASP D 66 -0.50 -6.38 18.45
CA ASP D 66 -1.84 -5.93 18.66
C ASP D 66 -1.60 -4.68 19.46
N TRP D 67 -1.22 -3.63 18.75
CA TRP D 67 -0.92 -2.35 19.35
C TRP D 67 -1.98 -2.01 20.36
N PHE D 68 -3.23 -2.01 19.89
CA PHE D 68 -4.32 -1.66 20.75
C PHE D 68 -4.55 -2.55 21.95
N SER D 69 -4.25 -3.82 21.81
CA SER D 69 -4.39 -4.72 22.94
C SER D 69 -3.37 -4.25 23.97
N LYS D 70 -2.11 -4.12 23.54
CA LYS D 70 -1.04 -3.68 24.45
C LYS D 70 -1.45 -2.37 25.09
N LEU D 71 -1.87 -1.44 24.24
CA LEU D 71 -2.27 -0.14 24.69
C LEU D 71 -3.32 -0.18 25.79
N ALA D 72 -4.36 -0.97 25.56
CA ALA D 72 -5.41 -1.02 26.55
C ALA D 72 -4.96 -1.65 27.85
N SER D 73 -4.14 -2.70 27.76
CA SER D 73 -3.63 -3.41 28.94
C SER D 73 -2.68 -2.54 29.73
N SER D 74 -2.11 -1.51 29.10
CA SER D 74 -1.17 -0.63 29.79
C SER D 74 -1.85 0.51 30.55
N ALA D 75 -3.18 0.57 30.51
CA ALA D 75 -3.89 1.65 31.18
C ALA D 75 -3.71 1.65 32.68
N PHE D 76 -3.53 2.84 33.22
CA PHE D 76 -3.36 3.03 34.65
C PHE D 76 -4.71 2.66 35.27
N THR D 77 -4.66 1.77 36.26
CA THR D 77 -5.85 1.27 36.92
C THR D 77 -5.94 1.74 38.36
N GLY D 78 -4.80 1.90 38.99
CA GLY D 78 -4.78 2.29 40.38
C GLY D 78 -5.46 3.58 40.78
N LEU D 79 -4.81 4.25 41.71
CA LEU D 79 -5.29 5.49 42.27
C LEU D 79 -4.03 6.30 42.55
N PHE D 80 -3.99 7.52 42.05
CA PHE D 80 -2.83 8.38 42.27
C PHE D 80 -3.07 9.09 43.62
N GLY D 81 -2.08 9.01 44.51
CA GLY D 81 -2.18 9.68 45.80
C GLY D 81 -2.28 8.75 47.01
N ALA D 82 -2.66 9.30 48.16
CA ALA D 82 -2.81 8.53 49.40
C ALA D 82 -4.29 8.21 49.62
N LEU D 83 -4.57 7.04 50.19
CA LEU D 83 -5.95 6.61 50.42
C LEU D 83 -6.32 6.56 51.90
N LEU D 84 -7.59 6.80 52.18
CA LEU D 84 -8.11 6.79 53.53
C LEU D 84 -9.48 6.07 53.49
N ALA D 85 -9.46 4.74 53.52
CA ALA D 85 -10.69 3.97 53.48
C ALA D 85 -11.16 3.69 54.89
#